data_4CU7
#
_entry.id   4CU7
#
_cell.length_a   116.780
_cell.length_b   116.780
_cell.length_c   219.680
_cell.angle_alpha   90.00
_cell.angle_beta   90.00
_cell.angle_gamma   90.00
#
_symmetry.space_group_name_H-M   'P 43 2 2'
#
loop_
_entity.id
_entity.type
_entity.pdbx_description
1 polymer BETA-GALACTOSIDASE
2 non-polymer D-galacto-isofagomine
3 non-polymer 'SULFATE ION'
4 non-polymer 1,2-ETHANEDIOL
5 water water
#
_entity_poly.entity_id   1
_entity_poly.type   'polypeptide(L)'
_entity_poly.pdbx_seq_one_letter_code
;AVTNEEVNQMIEDRKVDFNQNWYFKLNANSKEAIKPDADVSTWKKLDLPYDWSIFNDFDHESPAQNEGGQLNGGEAWYRK
TFKLDEKDLKKNVRLTFDGVYMDSQVYVNGQLVGHYPNGYNQFSYDITKYLQKDGRENVIAVHAVNKQPSSRWYSGSGIY
RDVTLQVTDKVHVEKNGTTILTPKLEEQQHGKVETHVTSKIVNTDDKDHELVAEYQIVERGGHAVTGLVRTASRTLKAHE
STSLDAILEVERPKLWTVLNDKPALYELITRVYRDGQLVDAKKDLFGYRYYHWTPNEGFSLNGERIKFHGVSLHHDHGAL
GAEENYKAEYRRLKQMKEMGVNSIRTTHNPASEQTLQIAAELGLLVQEEAFDTWYGGKKPYDYGRFFEKDATHPEARKGE
KWSDFDLRTMVERGKNNPAIFMWSIGNEIGEANGDAHSLATVKRLVKVIKDVDKTRYVTMGADKFRFGNGSGGHEKIADE
LDAVGFNYSEDNYKALRAKHPKWLIYGSETSSATRTRGSYYRPERELKHSNGPERNYEQSDYGNDRVGWGKTATASWTFD
RDNAGYAGQFIWTGTDYIGEPTPWHNQNQTPVKSSYFGIVDTAGIPKHDFYLYQSQWVSVKKKPMVHLLPHWNWENKELA
SKVADSEGKIPVRAYSNASSVELFLNGKSLGLKTFNKKQTSDGRTYQEGANANELYLEWKVAYQPGTLEAIARDESGKEI
ARDKITTAGKPAAVRLIKEDHAIAADGKDLTYIYYEIVDSQGNVVPTANNLVRFQLHGQGQLVGVDNGEQASRERYKAQA
DGSWIRKAFNGKGVAIVKSTEQAGKFTLTAHSDLLKSNQVTVFTGKKEG
;
_entity_poly.pdbx_strand_id   A
#
loop_
_chem_comp.id
_chem_comp.type
_chem_comp.name
_chem_comp.formula
EDO non-polymer 1,2-ETHANEDIOL 'C2 H6 O2'
GIF non-polymer D-galacto-isofagomine 'C6 H13 N O3'
SO4 non-polymer 'SULFATE ION' 'O4 S -2'
#
# COMPACT_ATOMS: atom_id res chain seq x y z
N ALA A 1 19.35 40.46 3.63
CA ALA A 1 18.04 39.95 4.13
C ALA A 1 17.72 38.58 3.48
N VAL A 2 17.14 37.66 4.25
CA VAL A 2 16.74 36.36 3.70
C VAL A 2 15.33 36.38 3.07
N THR A 3 15.27 36.17 1.77
CA THR A 3 14.02 36.18 1.04
C THR A 3 13.26 34.86 1.21
N ASN A 4 11.96 34.88 0.96
CA ASN A 4 11.15 33.66 1.01
C ASN A 4 11.73 32.61 0.05
N GLU A 5 12.21 33.10 -1.08
N GLU A 5 12.21 33.07 -1.10
CA GLU A 5 12.92 32.26 -2.04
CA GLU A 5 12.90 32.22 -2.05
C GLU A 5 14.10 31.51 -1.42
C GLU A 5 14.11 31.50 -1.43
N GLU A 6 14.92 32.21 -0.66
CA GLU A 6 16.05 31.60 0.01
C GLU A 6 15.64 30.54 1.07
N VAL A 7 14.58 30.83 1.82
CA VAL A 7 14.04 29.89 2.79
C VAL A 7 13.57 28.61 2.09
N ASN A 8 12.86 28.75 0.99
CA ASN A 8 12.38 27.58 0.27
C ASN A 8 13.54 26.77 -0.32
N GLN A 9 14.60 27.45 -0.77
CA GLN A 9 15.82 26.76 -1.21
C GLN A 9 16.48 25.98 -0.06
N MET A 10 16.58 26.60 1.11
CA MET A 10 17.12 25.93 2.29
C MET A 10 16.30 24.65 2.62
N ILE A 11 14.98 24.74 2.56
CA ILE A 11 14.12 23.60 2.80
C ILE A 11 14.43 22.47 1.82
N GLU A 12 14.46 22.78 0.53
CA GLU A 12 14.77 21.79 -0.52
C GLU A 12 16.16 21.14 -0.31
N ASP A 13 17.16 21.96 0.03
CA ASP A 13 18.53 21.48 0.17
C ASP A 13 18.76 20.67 1.44
N ARG A 14 17.85 20.79 2.41
CA ARG A 14 17.99 20.13 3.71
C ARG A 14 17.99 18.60 3.58
N LYS A 15 17.33 18.11 2.56
CA LYS A 15 17.10 16.69 2.38
C LYS A 15 17.34 16.28 0.94
N VAL A 16 18.18 15.29 0.70
CA VAL A 16 18.39 14.86 -0.67
C VAL A 16 18.19 13.36 -0.89
N ASP A 17 17.83 13.03 -2.11
CA ASP A 17 17.71 11.65 -2.55
C ASP A 17 19.10 11.05 -2.57
N PHE A 18 19.29 9.99 -1.80
CA PHE A 18 20.61 9.38 -1.69
C PHE A 18 20.62 8.00 -2.35
N ASN A 19 19.64 7.75 -3.22
CA ASN A 19 19.46 6.45 -3.86
C ASN A 19 20.52 6.11 -4.94
N GLN A 20 21.20 7.11 -5.50
N GLN A 20 21.20 7.10 -5.52
CA GLN A 20 22.03 6.88 -6.68
CA GLN A 20 22.03 6.79 -6.67
C GLN A 20 23.44 6.39 -6.35
C GLN A 20 23.43 6.36 -6.34
N ASN A 21 24.00 5.59 -7.25
CA ASN A 21 25.42 5.17 -7.25
C ASN A 21 25.82 4.25 -6.13
N TRP A 22 25.05 3.20 -5.93
CA TRP A 22 25.39 2.19 -4.94
C TRP A 22 26.03 1.00 -5.63
N TYR A 23 26.68 0.14 -4.87
CA TYR A 23 27.18 -1.13 -5.39
C TYR A 23 26.59 -2.26 -4.57
N PHE A 24 26.19 -3.32 -5.26
CA PHE A 24 25.55 -4.44 -4.61
C PHE A 24 26.32 -5.74 -4.88
N LYS A 25 26.47 -6.55 -3.84
CA LYS A 25 27.00 -7.89 -4.01
C LYS A 25 26.43 -8.88 -3.00
N LEU A 26 25.78 -9.91 -3.52
CA LEU A 26 25.27 -10.98 -2.72
C LEU A 26 26.44 -11.77 -2.13
N ASN A 27 26.35 -12.08 -0.84
CA ASN A 27 27.39 -12.81 -0.13
C ASN A 27 28.75 -12.15 -0.16
N ALA A 28 28.81 -10.82 -0.22
CA ALA A 28 30.10 -10.14 -0.29
C ALA A 28 30.89 -10.38 0.98
N ASN A 29 32.21 -10.38 0.85
CA ASN A 29 33.08 -10.48 2.02
C ASN A 29 32.95 -9.19 2.88
N SER A 30 32.62 -9.36 4.14
CA SER A 30 32.42 -8.22 5.05
C SER A 30 33.55 -7.19 5.08
N LYS A 31 34.78 -7.68 5.17
CA LYS A 31 35.95 -6.82 5.15
C LYS A 31 36.10 -6.08 3.80
N GLU A 32 35.87 -6.68 2.65
N GLU A 32 35.85 -6.72 2.65
CA GLU A 32 35.92 -5.88 1.44
CA GLU A 32 35.84 -6.02 1.35
C GLU A 32 34.77 -4.85 1.39
C GLU A 32 34.77 -4.92 1.35
N ALA A 33 33.60 -5.24 1.89
CA ALA A 33 32.41 -4.35 1.84
C ALA A 33 32.63 -3.02 2.57
N ILE A 34 33.16 -3.09 3.79
CA ILE A 34 33.34 -1.90 4.63
C ILE A 34 34.57 -1.02 4.37
N LYS A 35 35.58 -1.56 3.69
CA LYS A 35 36.90 -0.91 3.59
C LYS A 35 37.04 0.19 2.54
N PRO A 36 38.01 1.12 2.75
CA PRO A 36 38.24 2.10 1.69
C PRO A 36 38.77 1.44 0.43
N ASP A 37 38.48 2.03 -0.73
CA ASP A 37 39.10 1.59 -2.00
C ASP A 37 38.99 0.10 -2.26
N ALA A 38 37.83 -0.46 -2.00
CA ALA A 38 37.51 -1.81 -2.34
C ALA A 38 37.39 -1.97 -3.85
N ASP A 39 37.68 -3.17 -4.34
CA ASP A 39 37.57 -3.49 -5.74
C ASP A 39 36.11 -3.90 -5.99
N VAL A 40 35.38 -3.05 -6.71
CA VAL A 40 33.94 -3.23 -6.91
C VAL A 40 33.61 -3.71 -8.33
N SER A 41 34.66 -4.18 -9.02
CA SER A 41 34.52 -4.72 -10.37
C SER A 41 33.65 -5.96 -10.39
N THR A 42 33.61 -6.71 -9.29
CA THR A 42 32.69 -7.87 -9.20
C THR A 42 31.34 -7.52 -8.57
N TRP A 43 31.09 -6.23 -8.36
CA TRP A 43 29.85 -5.78 -7.72
C TRP A 43 28.93 -5.18 -8.78
N LYS A 44 27.63 -5.23 -8.55
CA LYS A 44 26.68 -4.61 -9.48
C LYS A 44 26.43 -3.12 -9.11
N LYS A 45 26.76 -2.22 -10.02
CA LYS A 45 26.47 -0.81 -9.80
C LYS A 45 25.00 -0.56 -10.10
N LEU A 46 24.31 0.12 -9.19
CA LEU A 46 22.86 0.31 -9.32
C LEU A 46 22.34 1.53 -8.56
N ASP A 47 21.10 1.91 -8.87
CA ASP A 47 20.39 2.91 -8.10
C ASP A 47 19.30 2.23 -7.30
N LEU A 48 19.23 2.58 -6.02
CA LEU A 48 18.17 2.10 -5.12
C LEU A 48 16.81 2.70 -5.53
N PRO A 49 15.72 2.09 -5.06
CA PRO A 49 15.72 0.87 -4.26
C PRO A 49 16.01 -0.39 -5.10
N TYR A 50 16.43 -1.45 -4.44
CA TYR A 50 16.74 -2.68 -5.12
C TYR A 50 16.40 -3.87 -4.23
N ASP A 51 15.37 -4.59 -4.60
CA ASP A 51 15.01 -5.82 -3.94
C ASP A 51 15.65 -6.96 -4.71
N TRP A 52 16.65 -7.60 -4.11
CA TRP A 52 17.39 -8.65 -4.85
C TRP A 52 16.62 -9.94 -5.08
N SER A 53 15.64 -10.25 -4.25
CA SER A 53 14.93 -11.49 -4.39
C SER A 53 14.09 -11.61 -5.67
N ILE A 54 13.59 -10.50 -6.18
CA ILE A 54 12.61 -10.52 -7.29
C ILE A 54 13.28 -11.01 -8.58
N PHE A 55 14.60 -10.89 -8.64
CA PHE A 55 15.37 -11.35 -9.78
C PHE A 55 15.68 -12.85 -9.75
N ASN A 56 15.42 -13.53 -8.62
CA ASN A 56 15.65 -14.99 -8.57
C ASN A 56 14.60 -15.72 -9.40
N ASP A 57 14.93 -16.95 -9.82
CA ASP A 57 13.90 -17.87 -10.28
C ASP A 57 13.17 -18.45 -9.08
N PHE A 58 11.90 -18.82 -9.28
CA PHE A 58 11.18 -19.55 -8.24
C PHE A 58 11.92 -20.87 -7.94
N ASP A 59 11.86 -21.29 -6.69
CA ASP A 59 12.58 -22.47 -6.26
C ASP A 59 11.63 -23.29 -5.40
N HIS A 60 11.28 -24.47 -5.88
CA HIS A 60 10.37 -25.39 -5.16
C HIS A 60 10.96 -25.82 -3.80
N GLU A 61 12.27 -25.73 -3.65
N GLU A 61 12.28 -25.75 -3.67
CA GLU A 61 12.95 -26.07 -2.40
CA GLU A 61 12.96 -26.09 -2.41
C GLU A 61 13.26 -24.85 -1.56
C GLU A 61 13.24 -24.86 -1.55
N SER A 62 12.74 -23.69 -1.95
CA SER A 62 13.02 -22.45 -1.21
C SER A 62 12.64 -22.62 0.24
N PRO A 63 13.54 -22.23 1.16
CA PRO A 63 13.16 -22.25 2.59
C PRO A 63 12.02 -21.21 2.91
N ALA A 64 11.77 -20.25 2.01
CA ALA A 64 10.62 -19.35 2.17
C ALA A 64 9.33 -20.15 2.07
N GLN A 65 9.37 -21.29 1.35
CA GLN A 65 8.15 -22.02 0.96
C GLN A 65 7.27 -21.13 0.07
N ASN A 66 6.14 -21.66 -0.39
CA ASN A 66 5.33 -20.88 -1.30
C ASN A 66 4.63 -19.70 -0.60
N GLU A 67 4.48 -19.79 0.71
CA GLU A 67 3.88 -18.69 1.48
C GLU A 67 4.74 -17.43 1.32
N GLY A 68 6.05 -17.62 1.19
CA GLY A 68 6.99 -16.52 0.95
C GLY A 68 7.28 -16.32 -0.54
N GLY A 69 6.53 -16.98 -1.42
CA GLY A 69 6.70 -16.80 -2.88
C GLY A 69 7.80 -17.65 -3.52
N GLN A 70 8.43 -18.53 -2.74
CA GLN A 70 9.51 -19.43 -3.23
C GLN A 70 10.63 -18.68 -3.92
N LEU A 71 10.92 -17.48 -3.39
CA LEU A 71 12.03 -16.67 -3.89
C LEU A 71 13.00 -16.52 -2.74
N ASN A 72 14.24 -16.95 -2.96
CA ASN A 72 15.22 -17.06 -1.87
C ASN A 72 15.70 -15.69 -1.40
N GLY A 73 16.27 -15.69 -0.20
CA GLY A 73 16.79 -14.50 0.40
C GLY A 73 18.30 -14.53 0.48
N GLY A 74 18.86 -14.73 1.70
CA GLY A 74 20.30 -14.79 1.87
C GLY A 74 20.84 -13.53 2.52
N GLU A 75 22.03 -13.11 2.10
CA GLU A 75 22.62 -11.90 2.66
C GLU A 75 23.45 -11.19 1.64
N ALA A 76 23.51 -9.87 1.76
CA ALA A 76 24.19 -9.07 0.78
C ALA A 76 24.71 -7.79 1.39
N TRP A 77 25.64 -7.15 0.70
CA TRP A 77 26.14 -5.83 1.06
C TRP A 77 25.80 -4.83 -0.03
N TYR A 78 25.49 -3.62 0.40
CA TYR A 78 25.38 -2.50 -0.51
C TYR A 78 26.43 -1.50 -0.02
N ARG A 79 27.08 -0.86 -0.98
N ARG A 79 27.07 -0.84 -0.97
CA ARG A 79 28.18 0.03 -0.65
CA ARG A 79 28.20 0.01 -0.69
C ARG A 79 28.07 1.31 -1.47
C ARG A 79 28.08 1.30 -1.48
N LYS A 80 28.37 2.44 -0.86
CA LYS A 80 28.37 3.71 -1.56
C LYS A 80 29.48 4.62 -1.01
N THR A 81 30.13 5.37 -1.89
CA THR A 81 31.09 6.38 -1.44
C THR A 81 30.57 7.77 -1.74
N PHE A 82 30.85 8.70 -0.84
CA PHE A 82 30.41 10.08 -1.05
C PHE A 82 31.30 11.07 -0.32
N LYS A 83 31.30 12.30 -0.82
CA LYS A 83 32.01 13.41 -0.21
C LYS A 83 31.03 14.54 0.14
N LEU A 84 31.21 15.14 1.30
CA LEU A 84 30.54 16.39 1.65
C LEU A 84 31.13 17.56 0.84
N ASP A 85 30.27 18.41 0.31
CA ASP A 85 30.72 19.69 -0.27
C ASP A 85 31.49 20.47 0.79
N GLU A 86 32.38 21.33 0.32
CA GLU A 86 33.23 22.14 1.19
C GLU A 86 32.40 22.91 2.24
N LYS A 87 31.34 23.54 1.77
CA LYS A 87 30.41 24.28 2.63
C LYS A 87 29.68 23.40 3.68
N ASP A 88 29.60 22.11 3.48
CA ASP A 88 28.87 21.27 4.44
C ASP A 88 29.76 20.58 5.44
N LEU A 89 31.02 20.95 5.47
CA LEU A 89 32.00 20.24 6.29
C LEU A 89 31.69 20.21 7.78
N LYS A 90 31.06 21.26 8.29
CA LYS A 90 30.77 21.30 9.72
C LYS A 90 29.32 20.90 10.05
N LYS A 91 28.55 20.53 9.04
CA LYS A 91 27.12 20.25 9.22
C LYS A 91 26.85 18.93 9.91
N ASN A 92 25.69 18.84 10.57
CA ASN A 92 25.17 17.55 11.00
C ASN A 92 24.69 16.74 9.78
N VAL A 93 24.94 15.42 9.78
CA VAL A 93 24.59 14.54 8.65
C VAL A 93 23.79 13.34 9.16
N ARG A 94 22.56 13.20 8.67
CA ARG A 94 21.69 12.09 9.07
C ARG A 94 21.28 11.30 7.84
N LEU A 95 21.35 9.99 7.97
CA LEU A 95 21.01 9.07 6.92
C LEU A 95 19.75 8.32 7.34
N THR A 96 18.72 8.37 6.49
CA THR A 96 17.43 7.77 6.79
C THR A 96 17.16 6.63 5.83
N PHE A 97 16.79 5.47 6.37
CA PHE A 97 16.36 4.34 5.55
C PHE A 97 14.87 4.11 5.76
N ASP A 98 14.08 4.25 4.70
CA ASP A 98 12.64 4.04 4.80
C ASP A 98 12.27 2.59 5.02
N GLY A 99 13.14 1.68 4.59
CA GLY A 99 12.95 0.24 4.87
C GLY A 99 14.10 -0.60 4.35
N VAL A 100 14.61 -1.46 5.22
CA VAL A 100 15.64 -2.42 4.83
C VAL A 100 15.26 -3.79 5.40
N TYR A 101 15.05 -4.76 4.51
CA TYR A 101 14.62 -6.08 4.97
C TYR A 101 15.80 -7.05 4.93
N MET A 102 16.32 -7.47 6.07
CA MET A 102 15.98 -7.05 7.43
C MET A 102 17.30 -7.23 8.23
N ASP A 103 17.23 -7.17 9.55
CA ASP A 103 18.39 -7.53 10.40
C ASP A 103 19.62 -6.82 9.90
N SER A 104 19.50 -5.53 9.62
CA SER A 104 20.56 -4.79 8.92
C SER A 104 21.70 -4.25 9.80
N GLN A 105 22.86 -4.00 9.16
CA GLN A 105 23.96 -3.26 9.78
C GLN A 105 24.44 -2.18 8.85
N VAL A 106 24.67 -1.01 9.42
CA VAL A 106 25.18 0.10 8.66
C VAL A 106 26.57 0.45 9.20
N TYR A 107 27.54 0.52 8.29
CA TYR A 107 28.91 0.86 8.59
C TYR A 107 29.25 2.14 7.90
N VAL A 108 29.92 3.04 8.62
CA VAL A 108 30.45 4.25 8.00
C VAL A 108 31.96 4.34 8.28
N ASN A 109 32.73 4.37 7.21
CA ASN A 109 34.19 4.42 7.28
C ASN A 109 34.77 3.34 8.20
N GLY A 110 34.28 2.12 8.02
CA GLY A 110 34.79 0.96 8.74
C GLY A 110 34.22 0.72 10.11
N GLN A 111 33.39 1.62 10.61
CA GLN A 111 32.86 1.50 11.97
C GLN A 111 31.35 1.25 11.96
N LEU A 112 30.90 0.38 12.85
CA LEU A 112 29.51 0.03 12.96
C LEU A 112 28.68 1.15 13.57
N VAL A 113 27.79 1.74 12.78
CA VAL A 113 26.87 2.76 13.29
C VAL A 113 25.69 2.18 14.05
N GLY A 114 25.07 1.12 13.51
CA GLY A 114 23.94 0.52 14.16
C GLY A 114 23.49 -0.78 13.53
N HIS A 115 22.86 -1.59 14.35
CA HIS A 115 22.23 -2.80 13.90
C HIS A 115 20.73 -2.64 14.14
N TYR A 116 19.92 -2.88 13.11
CA TYR A 116 18.49 -2.61 13.17
C TYR A 116 17.68 -3.82 12.69
N PRO A 117 17.07 -4.56 13.63
CA PRO A 117 16.38 -5.76 13.18
C PRO A 117 15.15 -5.56 12.25
N ASN A 118 14.32 -4.55 12.55
CA ASN A 118 12.99 -4.39 11.90
C ASN A 118 13.15 -4.26 10.40
N GLY A 119 12.42 -5.09 9.66
CA GLY A 119 12.47 -5.07 8.20
C GLY A 119 11.62 -4.03 7.45
N TYR A 120 10.73 -3.35 8.20
CA TYR A 120 9.74 -2.45 7.60
C TYR A 120 9.71 -1.04 8.19
N ASN A 121 10.08 -0.92 9.46
CA ASN A 121 10.08 0.40 10.11
C ASN A 121 11.20 1.29 9.56
N GLN A 122 10.90 2.56 9.33
CA GLN A 122 11.92 3.52 8.95
C GLN A 122 12.91 3.70 10.10
N PHE A 123 14.19 3.87 9.79
CA PHE A 123 15.18 4.16 10.83
C PHE A 123 16.22 5.11 10.29
N SER A 124 16.88 5.84 11.19
CA SER A 124 17.90 6.80 10.71
C SER A 124 19.06 6.91 11.66
N TYR A 125 20.20 7.33 11.15
CA TYR A 125 21.39 7.42 11.98
C TYR A 125 22.05 8.78 11.77
N ASP A 126 22.40 9.42 12.88
CA ASP A 126 23.29 10.58 12.82
C ASP A 126 24.71 10.03 12.60
N ILE A 127 25.25 10.24 11.41
CA ILE A 127 26.56 9.69 11.04
C ILE A 127 27.70 10.73 11.12
N THR A 128 27.38 11.92 11.62
CA THR A 128 28.31 13.04 11.63
C THR A 128 29.70 12.64 12.18
N LYS A 129 29.76 12.06 13.38
N LYS A 129 29.76 12.05 13.37
CA LYS A 129 31.05 11.80 14.04
CA LYS A 129 31.05 11.79 14.04
C LYS A 129 31.91 10.74 13.34
C LYS A 129 31.91 10.74 13.34
N TYR A 130 31.29 9.98 12.45
CA TYR A 130 31.91 8.91 11.63
C TYR A 130 32.53 9.34 10.34
N LEU A 131 32.22 10.54 9.88
CA LEU A 131 32.72 11.01 8.61
C LEU A 131 34.18 11.50 8.69
N GLN A 132 34.88 11.49 7.57
CA GLN A 132 36.23 11.99 7.47
C GLN A 132 36.28 13.50 7.60
N LYS A 133 37.39 14.00 8.12
CA LYS A 133 37.72 15.43 8.06
C LYS A 133 38.12 15.86 6.63
N ASP A 134 37.91 17.14 6.34
CA ASP A 134 38.47 17.81 5.15
C ASP A 134 37.83 17.43 3.80
N GLY A 135 36.72 16.71 3.84
CA GLY A 135 36.00 16.39 2.61
C GLY A 135 36.57 15.22 1.82
N ARG A 136 37.31 14.35 2.50
N ARG A 136 37.33 14.35 2.49
CA ARG A 136 37.80 13.11 1.88
CA ARG A 136 37.80 13.10 1.91
C ARG A 136 36.66 12.08 1.81
C ARG A 136 36.63 12.12 1.77
N GLU A 137 36.74 11.15 0.88
CA GLU A 137 35.64 10.24 0.60
C GLU A 137 35.23 9.41 1.83
N ASN A 138 33.93 9.23 1.98
CA ASN A 138 33.36 8.39 3.03
C ASN A 138 32.81 7.14 2.43
N VAL A 139 32.88 6.04 3.16
CA VAL A 139 32.30 4.78 2.69
C VAL A 139 31.12 4.32 3.56
N ILE A 140 29.96 4.15 2.94
CA ILE A 140 28.84 3.57 3.66
C ILE A 140 28.64 2.14 3.15
N ALA A 141 28.55 1.21 4.08
CA ALA A 141 28.30 -0.18 3.75
C ALA A 141 27.09 -0.65 4.53
N VAL A 142 26.14 -1.24 3.84
CA VAL A 142 24.92 -1.75 4.47
C VAL A 142 24.81 -3.26 4.28
N HIS A 143 24.69 -3.98 5.37
CA HIS A 143 24.51 -5.40 5.32
C HIS A 143 23.07 -5.70 5.56
N ALA A 144 22.47 -6.47 4.68
CA ALA A 144 21.08 -6.85 4.85
C ALA A 144 20.98 -8.36 4.82
N VAL A 145 20.18 -8.90 5.73
CA VAL A 145 20.02 -10.32 5.86
C VAL A 145 18.54 -10.74 5.78
N ASN A 146 18.25 -11.68 4.88
CA ASN A 146 16.93 -12.29 4.86
C ASN A 146 17.08 -13.78 4.99
N LYS A 147 17.16 -14.23 6.24
CA LYS A 147 17.31 -15.62 6.56
C LYS A 147 15.91 -16.17 6.62
N GLN A 148 15.64 -17.21 5.84
CA GLN A 148 14.28 -17.70 5.70
C GLN A 148 14.10 -19.03 6.41
N PRO A 149 12.85 -19.35 6.88
CA PRO A 149 11.74 -18.42 6.63
C PRO A 149 11.52 -17.32 7.69
N SER A 150 11.29 -16.10 7.20
CA SER A 150 11.10 -14.93 8.06
C SER A 150 9.73 -14.28 7.90
N SER A 151 8.89 -14.83 7.02
CA SER A 151 7.66 -14.11 6.63
C SER A 151 6.51 -15.01 6.19
N ARG A 152 5.28 -14.54 6.41
CA ARG A 152 4.12 -15.30 5.96
C ARG A 152 3.65 -14.83 4.57
N TRP A 153 4.41 -13.91 3.98
CA TRP A 153 4.10 -13.34 2.64
C TRP A 153 5.43 -13.01 2.01
N TYR A 154 5.45 -12.66 0.72
CA TYR A 154 6.70 -12.21 0.10
C TYR A 154 7.17 -10.88 0.72
N SER A 155 8.33 -10.94 1.37
CA SER A 155 8.98 -9.75 1.88
C SER A 155 9.85 -9.01 0.86
N GLY A 156 10.52 -9.73 -0.01
CA GLY A 156 11.65 -9.18 -0.71
C GLY A 156 12.89 -9.18 0.20
N SER A 157 14.04 -8.74 -0.33
CA SER A 157 15.26 -8.63 0.47
C SER A 157 16.03 -7.38 0.12
N GLY A 158 16.61 -6.71 1.13
CA GLY A 158 17.57 -5.64 0.83
C GLY A 158 16.97 -4.27 1.06
N ILE A 159 17.51 -3.28 0.36
CA ILE A 159 17.08 -1.91 0.53
C ILE A 159 15.99 -1.63 -0.50
N TYR A 160 14.74 -1.91 -0.11
CA TYR A 160 13.64 -1.94 -1.07
C TYR A 160 12.82 -0.63 -1.05
N ARG A 161 13.18 0.29 -0.14
CA ARG A 161 12.60 1.64 -0.06
C ARG A 161 13.70 2.69 -0.09
N ASP A 162 13.32 3.95 -0.21
CA ASP A 162 14.29 5.04 -0.37
C ASP A 162 15.26 5.22 0.81
N VAL A 163 16.39 5.79 0.46
CA VAL A 163 17.38 6.23 1.41
C VAL A 163 17.59 7.70 1.14
N THR A 164 17.55 8.50 2.19
CA THR A 164 17.70 9.94 2.04
C THR A 164 18.80 10.47 3.00
N LEU A 165 19.34 11.63 2.66
CA LEU A 165 20.38 12.27 3.44
C LEU A 165 19.90 13.66 3.86
N GLN A 166 20.01 13.95 5.15
CA GLN A 166 19.72 15.28 5.67
C GLN A 166 21.02 15.95 6.14
N VAL A 167 21.31 17.11 5.56
CA VAL A 167 22.47 17.86 5.96
C VAL A 167 22.01 19.19 6.56
N THR A 168 22.24 19.35 7.85
CA THR A 168 21.69 20.48 8.59
C THR A 168 22.75 21.21 9.43
N ASP A 169 22.39 22.41 9.88
CA ASP A 169 23.21 23.11 10.85
C ASP A 169 23.29 22.29 12.13
N LYS A 170 24.31 22.55 12.94
CA LYS A 170 24.43 21.91 14.25
C LYS A 170 23.21 22.16 15.12
N VAL A 171 22.60 23.32 14.96
CA VAL A 171 21.31 23.59 15.61
C VAL A 171 20.22 23.33 14.56
N HIS A 172 19.33 22.38 14.85
CA HIS A 172 18.31 21.97 13.88
C HIS A 172 17.13 21.32 14.56
N VAL A 173 16.01 21.27 13.84
CA VAL A 173 14.83 20.54 14.28
C VAL A 173 15.20 19.08 14.15
N GLU A 174 15.05 18.34 15.24
CA GLU A 174 15.43 16.94 15.23
C GLU A 174 14.50 16.12 14.33
N LYS A 175 14.98 14.94 13.97
CA LYS A 175 14.27 14.00 13.15
C LYS A 175 12.94 13.69 13.80
N ASN A 176 11.86 13.80 13.03
CA ASN A 176 10.50 13.66 13.54
C ASN A 176 10.24 14.64 14.67
N GLY A 177 10.90 15.79 14.66
CA GLY A 177 10.81 16.74 15.77
C GLY A 177 9.56 17.61 15.84
N THR A 178 8.72 17.59 14.80
CA THR A 178 7.54 18.47 14.70
C THR A 178 6.24 17.83 15.11
N THR A 179 5.49 18.49 15.99
CA THR A 179 4.15 18.06 16.31
C THR A 179 3.13 19.16 15.99
N ILE A 180 2.07 18.78 15.29
CA ILE A 180 1.06 19.74 14.89
C ILE A 180 -0.30 19.25 15.31
N LEU A 181 -0.96 20.06 16.13
CA LEU A 181 -2.26 19.70 16.71
C LEU A 181 -3.32 20.74 16.46
N THR A 182 -4.57 20.28 16.27
CA THR A 182 -5.68 21.19 16.07
C THR A 182 -6.81 20.78 17.03
N PRO A 183 -6.59 20.95 18.34
CA PRO A 183 -7.43 20.33 19.36
C PRO A 183 -8.86 20.85 19.43
N LYS A 184 -9.15 22.03 18.88
CA LYS A 184 -10.50 22.59 18.96
C LYS A 184 -11.10 22.80 17.59
N LEU A 185 -10.65 22.01 16.62
CA LEU A 185 -11.07 22.19 15.26
C LEU A 185 -12.59 22.19 15.03
N GLU A 186 -13.30 21.23 15.62
CA GLU A 186 -14.72 21.13 15.37
C GLU A 186 -15.45 22.40 15.79
N GLU A 187 -15.07 22.90 16.95
CA GLU A 187 -15.65 24.12 17.49
C GLU A 187 -15.22 25.36 16.69
N GLN A 188 -13.97 25.40 16.21
CA GLN A 188 -13.41 26.62 15.63
C GLN A 188 -13.47 26.74 14.10
N GLN A 189 -13.97 25.70 13.45
CA GLN A 189 -13.76 25.49 12.01
C GLN A 189 -14.35 26.60 11.12
N HIS A 190 -15.45 27.23 11.58
CA HIS A 190 -16.04 28.32 10.82
C HIS A 190 -15.39 29.68 11.11
N GLY A 191 -14.39 29.70 11.99
CA GLY A 191 -13.60 30.90 12.21
C GLY A 191 -12.10 30.61 12.23
N LYS A 192 -11.40 31.16 13.22
CA LYS A 192 -9.95 30.97 13.35
C LYS A 192 -9.66 29.66 14.08
N VAL A 193 -8.90 28.78 13.43
CA VAL A 193 -8.57 27.50 14.04
C VAL A 193 -7.20 27.59 14.66
N GLU A 194 -7.11 27.36 15.96
CA GLU A 194 -5.80 27.34 16.62
C GLU A 194 -4.99 26.09 16.24
N THR A 195 -3.80 26.31 15.72
CA THR A 195 -2.95 25.24 15.30
C THR A 195 -1.72 25.24 16.20
N HIS A 196 -1.66 24.27 17.11
CA HIS A 196 -0.58 24.19 18.08
C HIS A 196 0.58 23.44 17.51
N VAL A 197 1.73 24.10 17.44
CA VAL A 197 2.92 23.52 16.87
C VAL A 197 4.00 23.39 17.91
N THR A 198 4.76 22.30 17.83
CA THR A 198 5.88 22.02 18.72
C THR A 198 7.06 21.55 17.90
N SER A 199 8.23 22.09 18.21
CA SER A 199 9.46 21.71 17.54
C SER A 199 10.49 21.25 18.57
N LYS A 200 10.97 20.03 18.40
CA LYS A 200 12.06 19.53 19.18
C LYS A 200 13.33 19.98 18.50
N ILE A 201 14.05 20.91 19.13
N ILE A 201 14.05 20.91 19.12
CA ILE A 201 15.25 21.48 18.56
CA ILE A 201 15.25 21.45 18.52
C ILE A 201 16.47 20.95 19.30
C ILE A 201 16.48 20.99 19.29
N VAL A 202 17.53 20.64 18.56
CA VAL A 202 18.75 20.11 19.15
C VAL A 202 19.91 21.07 18.89
N ASN A 203 20.76 21.26 19.90
CA ASN A 203 22.02 21.97 19.71
C ASN A 203 23.14 20.94 19.80
N THR A 204 23.68 20.53 18.65
CA THR A 204 24.75 19.52 18.64
C THR A 204 26.13 20.18 18.74
N ASP A 205 26.15 21.51 18.84
CA ASP A 205 27.40 22.24 18.98
C ASP A 205 27.97 22.08 20.40
N ASP A 206 29.24 22.41 20.55
CA ASP A 206 29.81 22.43 21.90
C ASP A 206 29.80 23.83 22.52
N LYS A 207 29.14 24.77 21.84
CA LYS A 207 28.86 26.12 22.36
C LYS A 207 27.34 26.33 22.57
N ASP A 208 27.00 27.11 23.59
CA ASP A 208 25.65 27.59 23.82
C ASP A 208 25.23 28.50 22.67
N HIS A 209 23.93 28.50 22.35
CA HIS A 209 23.42 29.41 21.31
C HIS A 209 22.08 29.98 21.68
N GLU A 210 21.81 31.19 21.18
CA GLU A 210 20.51 31.82 21.36
C GLU A 210 19.58 31.32 20.25
N LEU A 211 18.42 30.83 20.64
CA LEU A 211 17.52 30.13 19.74
C LEU A 211 16.18 30.82 19.62
N VAL A 212 15.74 30.99 18.37
CA VAL A 212 14.37 31.45 18.05
C VAL A 212 13.82 30.55 16.94
N ALA A 213 12.55 30.14 17.09
CA ALA A 213 11.82 29.50 15.97
C ALA A 213 10.77 30.41 15.39
N GLU A 214 10.61 30.34 14.07
CA GLU A 214 9.63 31.13 13.38
C GLU A 214 8.76 30.21 12.49
N TYR A 215 7.44 30.33 12.61
CA TYR A 215 6.52 29.48 11.87
C TYR A 215 5.63 30.25 10.92
N GLN A 216 5.23 29.59 9.85
CA GLN A 216 4.16 30.02 8.95
C GLN A 216 3.42 28.80 8.40
N ILE A 217 2.12 28.89 8.27
CA ILE A 217 1.37 27.82 7.62
C ILE A 217 0.97 28.24 6.22
N VAL A 218 1.13 27.31 5.28
CA VAL A 218 0.72 27.52 3.89
C VAL A 218 -0.14 26.36 3.40
N GLU A 219 -1.01 26.65 2.46
CA GLU A 219 -1.74 25.62 1.76
C GLU A 219 -0.74 24.89 0.89
N ARG A 220 -0.78 23.57 0.87
CA ARG A 220 0.17 22.81 0.05
C ARG A 220 -0.15 23.09 -1.42
N GLY A 221 0.85 23.44 -2.21
CA GLY A 221 0.58 23.97 -3.58
C GLY A 221 -0.42 25.15 -3.63
N GLY A 222 -0.47 25.99 -2.57
CA GLY A 222 -1.45 27.09 -2.52
C GLY A 222 -0.74 28.30 -1.90
N HIS A 223 -1.44 29.20 -1.23
N HIS A 223 -1.47 29.17 -1.21
CA HIS A 223 -0.75 30.37 -0.67
CA HIS A 223 -0.88 30.38 -0.64
C HIS A 223 -0.60 30.29 0.87
C HIS A 223 -0.64 30.30 0.89
N ALA A 224 0.10 31.27 1.45
CA ALA A 224 0.22 31.41 2.89
C ALA A 224 -1.16 31.62 3.54
N VAL A 225 -1.36 31.07 4.75
CA VAL A 225 -2.59 31.32 5.47
C VAL A 225 -2.30 31.89 6.85
N THR A 226 -1.03 32.17 7.13
CA THR A 226 -0.63 32.93 8.32
C THR A 226 0.49 33.84 7.95
N GLY A 227 0.80 34.76 8.85
CA GLY A 227 2.09 35.46 8.83
C GLY A 227 3.14 34.62 9.57
N LEU A 228 4.24 35.26 9.95
CA LEU A 228 5.28 34.60 10.72
C LEU A 228 4.96 34.70 12.18
N VAL A 229 4.99 33.57 12.88
CA VAL A 229 4.76 33.53 14.32
C VAL A 229 6.06 33.05 14.99
N ARG A 230 6.55 33.84 15.93
CA ARG A 230 7.92 33.76 16.45
C ARG A 230 7.91 33.34 17.92
N THR A 231 8.85 32.49 18.32
CA THR A 231 8.98 32.17 19.74
C THR A 231 9.91 33.19 20.41
N ALA A 232 9.79 33.33 21.73
CA ALA A 232 10.74 34.14 22.53
C ALA A 232 12.17 33.59 22.44
N SER A 233 13.15 34.47 22.30
CA SER A 233 14.55 34.06 22.26
C SER A 233 15.01 33.47 23.60
N ARG A 234 15.67 32.31 23.59
CA ARG A 234 16.10 31.62 24.80
C ARG A 234 17.45 30.95 24.54
N THR A 235 18.17 30.62 25.60
CA THR A 235 19.42 29.90 25.40
C THR A 235 19.13 28.43 25.19
N LEU A 236 19.81 27.84 24.21
CA LEU A 236 19.87 26.39 24.15
C LEU A 236 21.34 26.00 24.37
N LYS A 237 21.60 25.29 25.46
CA LYS A 237 22.98 24.94 25.82
C LYS A 237 23.60 23.89 24.89
N ALA A 238 24.93 23.90 24.84
CA ALA A 238 25.71 22.92 24.10
C ALA A 238 25.24 21.53 24.45
N HIS A 239 25.09 20.69 23.42
CA HIS A 239 24.69 19.29 23.55
C HIS A 239 23.34 19.05 24.21
N GLU A 240 22.50 20.06 24.20
CA GLU A 240 21.20 19.94 24.84
C GLU A 240 20.10 20.12 23.80
N SER A 241 18.90 19.70 24.15
CA SER A 241 17.78 19.87 23.26
C SER A 241 16.63 20.50 24.03
N THR A 242 15.65 21.07 23.31
CA THR A 242 14.48 21.70 23.92
C THR A 242 13.25 21.64 22.99
N SER A 243 12.06 21.80 23.55
CA SER A 243 10.85 21.94 22.75
C SER A 243 10.31 23.37 22.73
N LEU A 244 10.26 23.96 21.54
CA LEU A 244 9.63 25.26 21.38
C LEU A 244 8.19 25.03 20.96
N ASP A 245 7.31 25.98 21.35
CA ASP A 245 5.86 25.93 21.14
C ASP A 245 5.36 27.23 20.55
N ALA A 246 4.34 27.17 19.68
CA ALA A 246 3.61 28.35 19.26
C ALA A 246 2.20 27.94 18.88
N ILE A 247 1.29 28.90 18.87
CA ILE A 247 -0.04 28.69 18.33
C ILE A 247 -0.23 29.63 17.13
N LEU A 248 -0.64 29.07 16.00
CA LEU A 248 -0.99 29.88 14.84
C LEU A 248 -2.46 29.74 14.56
N GLU A 249 -3.08 30.79 14.04
CA GLU A 249 -4.48 30.74 13.71
C GLU A 249 -4.69 30.75 12.21
N VAL A 250 -5.49 29.82 11.75
CA VAL A 250 -5.79 29.73 10.35
C VAL A 250 -7.30 29.89 10.19
N GLU A 251 -7.72 30.81 9.32
CA GLU A 251 -9.13 31.07 9.15
C GLU A 251 -9.84 30.09 8.24
N ARG A 252 -10.92 29.48 8.73
N ARG A 252 -10.92 29.48 8.73
N ARG A 252 -10.94 29.48 8.71
CA ARG A 252 -11.77 28.59 7.95
CA ARG A 252 -11.78 28.59 7.95
CA ARG A 252 -11.77 28.61 7.89
C ARG A 252 -10.99 27.67 7.01
C ARG A 252 -10.99 27.67 7.01
C ARG A 252 -10.96 27.66 6.98
N PRO A 253 -10.12 26.82 7.58
CA PRO A 253 -9.32 25.94 6.71
C PRO A 253 -10.18 24.96 5.96
N LYS A 254 -9.77 24.58 4.76
CA LYS A 254 -10.45 23.50 4.05
C LYS A 254 -10.15 22.21 4.77
N LEU A 255 -11.17 21.39 5.00
CA LEU A 255 -10.98 20.20 5.80
C LEU A 255 -10.59 18.99 4.95
N TRP A 256 -9.51 18.32 5.35
CA TRP A 256 -9.08 17.08 4.72
C TRP A 256 -10.16 16.03 4.89
N THR A 257 -10.50 15.33 3.80
CA THR A 257 -11.50 14.27 3.88
C THR A 257 -11.32 13.18 2.80
N VAL A 258 -11.88 11.99 3.06
CA VAL A 258 -11.91 10.92 2.06
C VAL A 258 -13.01 11.17 1.00
N LEU A 259 -13.96 12.07 1.30
CA LEU A 259 -15.12 12.33 0.43
C LEU A 259 -14.80 13.13 -0.83
N ASN A 260 -13.57 13.55 -0.99
CA ASN A 260 -13.15 13.96 -2.32
C ASN A 260 -11.78 13.36 -2.66
N ASP A 261 -11.37 13.45 -3.94
CA ASP A 261 -10.16 12.78 -4.40
C ASP A 261 -8.91 13.65 -4.51
N LYS A 262 -9.03 14.93 -4.19
CA LYS A 262 -7.87 15.77 -4.01
C LYS A 262 -8.05 16.59 -2.72
N PRO A 263 -8.03 15.89 -1.54
CA PRO A 263 -8.33 16.68 -0.34
C PRO A 263 -7.30 17.75 -0.03
N ALA A 264 -7.74 18.73 0.74
CA ALA A 264 -6.89 19.84 1.12
C ALA A 264 -5.78 19.42 2.11
N LEU A 265 -4.57 19.88 1.83
CA LEU A 265 -3.44 19.63 2.69
C LEU A 265 -2.76 20.94 2.97
N TYR A 266 -2.06 21.01 4.11
CA TYR A 266 -1.30 22.20 4.48
C TYR A 266 0.13 21.82 4.83
N GLU A 267 1.00 22.83 4.89
CA GLU A 267 2.35 22.63 5.37
C GLU A 267 2.70 23.69 6.39
N LEU A 268 3.30 23.23 7.48
CA LEU A 268 3.93 24.11 8.44
C LEU A 268 5.37 24.38 7.97
N ILE A 269 5.74 25.66 7.77
N ILE A 269 5.74 25.64 7.83
CA ILE A 269 7.13 26.01 7.57
CA ILE A 269 7.13 25.98 7.60
C ILE A 269 7.75 26.39 8.92
C ILE A 269 7.75 26.41 8.92
N THR A 270 8.87 25.79 9.25
CA THR A 270 9.66 26.12 10.45
C THR A 270 10.98 26.74 10.03
N ARG A 271 11.28 27.92 10.56
CA ARG A 271 12.58 28.57 10.41
C ARG A 271 13.27 28.63 11.76
N VAL A 272 14.53 28.18 11.79
CA VAL A 272 15.29 28.14 13.03
C VAL A 272 16.45 29.13 12.98
N TYR A 273 16.52 29.99 14.01
CA TYR A 273 17.57 31.00 14.14
C TYR A 273 18.54 30.67 15.24
N ARG A 274 19.81 30.71 14.90
CA ARG A 274 20.86 30.55 15.89
C ARG A 274 21.56 31.90 16.00
N ASP A 275 21.47 32.53 17.17
CA ASP A 275 22.02 33.88 17.37
C ASP A 275 21.57 34.85 16.30
N GLY A 276 20.28 34.83 15.97
CA GLY A 276 19.73 35.74 14.99
C GLY A 276 19.99 35.39 13.53
N GLN A 277 20.73 34.32 13.24
CA GLN A 277 20.97 33.91 11.85
C GLN A 277 20.12 32.66 11.52
N LEU A 278 19.39 32.73 10.41
CA LEU A 278 18.62 31.58 9.93
C LEU A 278 19.54 30.43 9.54
N VAL A 279 19.49 29.31 10.29
CA VAL A 279 20.42 28.20 10.01
C VAL A 279 19.70 26.90 9.56
N ASP A 280 18.43 26.75 9.90
CA ASP A 280 17.66 25.56 9.56
C ASP A 280 16.24 25.94 9.14
N ALA A 281 15.74 25.30 8.10
CA ALA A 281 14.36 25.50 7.68
C ALA A 281 13.81 24.18 7.14
N LYS A 282 12.57 23.88 7.46
CA LYS A 282 11.92 22.67 6.99
C LYS A 282 10.40 22.86 6.80
N LYS A 283 9.78 21.88 6.17
CA LYS A 283 8.33 21.87 6.09
C LYS A 283 7.81 20.54 6.63
N ASP A 284 6.58 20.55 7.16
CA ASP A 284 5.93 19.34 7.61
C ASP A 284 4.52 19.34 7.06
N LEU A 285 4.13 18.26 6.39
N LEU A 285 4.13 18.27 6.39
CA LEU A 285 2.80 18.08 5.87
CA LEU A 285 2.80 18.11 5.85
C LEU A 285 1.80 17.83 7.00
C LEU A 285 1.80 17.82 6.97
N PHE A 286 0.61 18.41 6.89
CA PHE A 286 -0.54 18.08 7.79
C PHE A 286 -1.87 18.44 7.15
N GLY A 287 -2.97 18.15 7.85
CA GLY A 287 -4.28 18.56 7.37
C GLY A 287 -5.19 18.88 8.54
N TYR A 288 -6.33 19.51 8.25
CA TYR A 288 -7.36 19.76 9.26
C TYR A 288 -8.51 18.77 9.09
N ARG A 289 -8.69 17.87 10.06
CA ARG A 289 -9.86 17.00 10.11
C ARG A 289 -10.12 16.56 11.53
N TYR A 290 -11.38 16.27 11.81
CA TYR A 290 -11.75 15.73 13.08
C TYR A 290 -12.63 14.52 12.83
N TYR A 291 -12.73 13.65 13.82
CA TYR A 291 -13.54 12.47 13.65
C TYR A 291 -14.09 12.00 14.99
N HIS A 292 -15.10 11.14 14.95
CA HIS A 292 -15.70 10.65 16.16
C HIS A 292 -16.18 9.23 15.88
N TRP A 293 -16.33 8.42 16.91
CA TRP A 293 -16.72 7.03 16.73
C TRP A 293 -17.53 6.62 17.94
N THR A 294 -18.74 6.14 17.72
CA THR A 294 -19.53 5.62 18.83
C THR A 294 -19.87 4.14 18.63
N PRO A 295 -20.19 3.43 19.72
CA PRO A 295 -20.47 2.00 19.63
C PRO A 295 -21.58 1.64 18.66
N ASN A 296 -22.68 2.37 18.66
CA ASN A 296 -23.84 1.99 17.86
C ASN A 296 -23.97 2.66 16.51
N GLU A 297 -23.36 3.83 16.34
N GLU A 297 -23.37 3.84 16.35
CA GLU A 297 -23.44 4.50 15.04
CA GLU A 297 -23.44 4.53 15.07
C GLU A 297 -22.14 4.43 14.23
C GLU A 297 -22.15 4.42 14.24
N GLY A 298 -21.06 3.96 14.86
CA GLY A 298 -19.76 3.86 14.20
C GLY A 298 -19.10 5.21 13.99
N PHE A 299 -18.52 5.39 12.81
CA PHE A 299 -17.54 6.45 12.58
C PHE A 299 -18.11 7.65 11.83
N SER A 300 -17.58 8.83 12.13
CA SER A 300 -17.91 10.02 11.35
C SER A 300 -16.64 10.83 11.12
N LEU A 301 -16.56 11.49 9.98
CA LEU A 301 -15.39 12.27 9.63
C LEU A 301 -15.84 13.68 9.33
N ASN A 302 -15.29 14.64 10.08
CA ASN A 302 -15.71 16.04 10.04
C ASN A 302 -17.26 16.15 10.19
N GLY A 303 -17.85 15.31 11.01
CA GLY A 303 -19.30 15.34 11.22
C GLY A 303 -20.11 14.51 10.22
N GLU A 304 -19.47 13.93 9.21
CA GLU A 304 -20.21 13.11 8.26
C GLU A 304 -20.00 11.62 8.51
N ARG A 305 -21.10 10.90 8.72
CA ARG A 305 -21.05 9.49 8.99
C ARG A 305 -20.59 8.72 7.76
N ILE A 306 -19.63 7.82 7.93
CA ILE A 306 -19.18 6.95 6.85
C ILE A 306 -18.87 5.58 7.45
N LYS A 307 -18.73 4.61 6.57
CA LYS A 307 -18.22 3.33 6.96
C LYS A 307 -16.82 3.23 6.35
N PHE A 308 -15.94 2.44 6.97
CA PHE A 308 -14.65 2.21 6.33
C PHE A 308 -14.91 1.20 5.21
N HIS A 309 -14.84 1.66 3.96
CA HIS A 309 -14.82 0.78 2.83
C HIS A 309 -13.33 0.54 2.53
N GLY A 310 -12.75 -0.41 3.24
CA GLY A 310 -11.30 -0.49 3.32
C GLY A 310 -10.72 -1.74 2.69
N VAL A 311 -9.44 -1.69 2.38
CA VAL A 311 -8.71 -2.87 1.95
C VAL A 311 -7.41 -3.00 2.77
N SER A 312 -7.01 -4.25 3.01
CA SER A 312 -5.70 -4.58 3.52
C SER A 312 -4.77 -4.68 2.32
N LEU A 313 -3.55 -4.15 2.46
CA LEU A 313 -2.56 -4.19 1.39
C LEU A 313 -1.20 -4.60 1.89
N HIS A 314 -0.60 -5.55 1.18
CA HIS A 314 0.80 -5.88 1.38
C HIS A 314 1.65 -4.91 0.58
N HIS A 315 2.95 -4.90 0.82
CA HIS A 315 3.82 -3.88 0.26
C HIS A 315 4.31 -4.09 -1.17
N ASP A 316 4.33 -5.34 -1.68
CA ASP A 316 4.95 -5.59 -2.98
C ASP A 316 4.13 -5.04 -4.14
N HIS A 317 4.82 -4.79 -5.26
CA HIS A 317 4.13 -4.30 -6.46
C HIS A 317 4.26 -5.30 -7.61
N GLY A 318 4.04 -6.58 -7.33
CA GLY A 318 3.98 -7.59 -8.41
C GLY A 318 5.36 -7.76 -9.05
N ALA A 319 5.46 -7.38 -10.33
CA ALA A 319 6.72 -7.55 -11.08
C ALA A 319 7.84 -6.67 -10.54
N LEU A 320 7.50 -5.63 -9.80
CA LEU A 320 8.53 -4.82 -9.11
C LEU A 320 9.00 -5.46 -7.82
N GLY A 321 8.41 -6.57 -7.38
CA GLY A 321 8.77 -7.16 -6.08
C GLY A 321 8.54 -6.15 -4.97
N ALA A 322 9.45 -6.11 -3.98
CA ALA A 322 9.34 -5.16 -2.87
C ALA A 322 9.75 -3.73 -3.20
N GLU A 323 10.31 -3.49 -4.38
CA GLU A 323 10.75 -2.14 -4.73
C GLU A 323 9.58 -1.15 -4.61
N GLU A 324 9.67 -0.22 -3.65
CA GLU A 324 8.68 0.83 -3.52
C GLU A 324 8.92 1.87 -4.59
N ASN A 325 7.83 2.39 -5.14
CA ASN A 325 7.89 3.38 -6.23
C ASN A 325 6.63 4.24 -6.15
N TYR A 326 6.82 5.57 -6.18
CA TYR A 326 5.69 6.49 -6.05
C TYR A 326 4.61 6.24 -7.12
N LYS A 327 5.02 6.16 -8.37
CA LYS A 327 4.06 5.93 -9.44
C LYS A 327 3.33 4.59 -9.31
N ALA A 328 4.03 3.52 -8.94
CA ALA A 328 3.35 2.24 -8.73
C ALA A 328 2.32 2.29 -7.60
N GLU A 329 2.69 2.89 -6.46
CA GLU A 329 1.79 2.97 -5.33
C GLU A 329 0.65 3.96 -5.63
N TYR A 330 0.95 5.00 -6.38
CA TYR A 330 -0.08 5.92 -6.83
C TYR A 330 -1.12 5.22 -7.71
N ARG A 331 -0.66 4.47 -8.70
CA ARG A 331 -1.58 3.70 -9.56
C ARG A 331 -2.46 2.81 -8.70
N ARG A 332 -1.85 2.07 -7.76
CA ARG A 332 -2.61 1.14 -6.95
C ARG A 332 -3.66 1.86 -6.07
N LEU A 333 -3.23 2.88 -5.34
CA LEU A 333 -4.16 3.59 -4.41
C LEU A 333 -5.27 4.36 -5.14
N LYS A 334 -4.94 4.93 -6.31
N LYS A 334 -4.93 4.92 -6.30
CA LYS A 334 -5.93 5.60 -7.13
CA LYS A 334 -5.90 5.60 -7.15
C LYS A 334 -6.94 4.57 -7.63
C LYS A 334 -6.93 4.57 -7.63
N GLN A 335 -6.44 3.38 -7.99
CA GLN A 335 -7.33 2.31 -8.41
C GLN A 335 -8.29 1.87 -7.29
N MET A 336 -7.78 1.76 -6.06
CA MET A 336 -8.64 1.47 -4.90
C MET A 336 -9.71 2.59 -4.76
N LYS A 337 -9.26 3.83 -4.88
CA LYS A 337 -10.17 4.97 -4.79
C LYS A 337 -11.26 4.89 -5.92
N GLU A 338 -10.91 4.49 -7.14
N GLU A 338 -10.94 4.49 -7.15
CA GLU A 338 -11.90 4.37 -8.22
CA GLU A 338 -11.97 4.38 -8.18
C GLU A 338 -12.98 3.32 -7.92
C GLU A 338 -13.03 3.36 -7.84
N MET A 339 -12.63 2.39 -7.04
CA MET A 339 -13.49 1.34 -6.56
C MET A 339 -14.49 1.82 -5.48
N GLY A 340 -14.25 2.98 -4.89
CA GLY A 340 -15.07 3.42 -3.76
C GLY A 340 -14.41 3.15 -2.41
N VAL A 341 -13.19 2.60 -2.41
CA VAL A 341 -12.41 2.43 -1.17
C VAL A 341 -12.13 3.82 -0.57
N ASN A 342 -12.29 3.95 0.74
CA ASN A 342 -11.94 5.19 1.43
C ASN A 342 -10.89 4.99 2.53
N SER A 343 -10.44 3.74 2.71
CA SER A 343 -9.40 3.46 3.66
C SER A 343 -8.56 2.21 3.45
N ILE A 344 -7.37 2.21 4.06
CA ILE A 344 -6.41 1.14 3.92
C ILE A 344 -5.77 0.78 5.23
N ARG A 345 -5.37 -0.48 5.31
CA ARG A 345 -4.67 -1.03 6.45
C ARG A 345 -3.32 -1.56 5.94
N THR A 346 -2.21 -1.12 6.53
CA THR A 346 -0.89 -1.52 6.02
C THR A 346 -0.49 -2.85 6.69
N THR A 347 -1.05 -3.93 6.16
CA THR A 347 -0.92 -5.27 6.76
C THR A 347 0.43 -5.89 6.32
N HIS A 348 1.32 -6.22 7.26
CA HIS A 348 1.15 -6.00 8.71
C HIS A 348 2.47 -5.42 9.16
N ASN A 349 2.73 -4.18 8.78
CA ASN A 349 4.03 -3.56 8.95
C ASN A 349 3.92 -2.06 8.71
N PRO A 350 4.92 -1.30 9.18
CA PRO A 350 4.98 0.12 8.87
C PRO A 350 4.98 0.38 7.37
N ALA A 351 4.36 1.49 6.99
CA ALA A 351 4.18 1.88 5.60
C ALA A 351 5.42 2.60 5.09
N SER A 352 5.60 2.59 3.77
CA SER A 352 6.57 3.48 3.15
C SER A 352 6.13 4.95 3.22
N GLU A 353 7.09 5.85 3.03
CA GLU A 353 6.78 7.28 2.87
C GLU A 353 5.82 7.51 1.69
N GLN A 354 6.01 6.77 0.60
CA GLN A 354 5.16 6.94 -0.58
C GLN A 354 3.69 6.63 -0.24
N THR A 355 3.45 5.49 0.37
CA THR A 355 2.11 5.07 0.77
C THR A 355 1.42 6.16 1.61
N LEU A 356 2.12 6.66 2.63
CA LEU A 356 1.55 7.64 3.55
C LEU A 356 1.27 8.98 2.88
N GLN A 357 2.18 9.45 2.02
CA GLN A 357 1.98 10.67 1.29
C GLN A 357 0.79 10.57 0.31
N ILE A 358 0.76 9.50 -0.46
CA ILE A 358 -0.32 9.28 -1.43
C ILE A 358 -1.68 9.15 -0.76
N ALA A 359 -1.75 8.46 0.37
CA ALA A 359 -3.03 8.37 1.11
C ALA A 359 -3.51 9.79 1.49
N ALA A 360 -2.60 10.63 1.95
CA ALA A 360 -2.94 12.02 2.32
C ALA A 360 -3.39 12.79 1.08
N GLU A 361 -2.71 12.57 -0.05
CA GLU A 361 -3.02 13.25 -1.30
C GLU A 361 -4.31 12.81 -1.96
N LEU A 362 -4.63 11.52 -1.88
CA LEU A 362 -5.81 11.00 -2.57
C LEU A 362 -7.04 10.96 -1.68
N GLY A 363 -6.86 11.22 -0.39
CA GLY A 363 -7.99 11.06 0.53
C GLY A 363 -8.32 9.62 0.91
N LEU A 364 -7.35 8.91 1.46
CA LEU A 364 -7.61 7.57 2.03
C LEU A 364 -7.20 7.57 3.52
N LEU A 365 -8.11 7.13 4.36
CA LEU A 365 -7.79 6.93 5.77
C LEU A 365 -6.85 5.72 5.90
N VAL A 366 -5.96 5.78 6.88
CA VAL A 366 -4.96 4.73 7.02
C VAL A 366 -4.91 4.19 8.44
N GLN A 367 -4.98 2.86 8.56
CA GLN A 367 -4.50 2.19 9.76
C GLN A 367 -3.07 1.71 9.46
N GLU A 368 -2.07 2.25 10.17
CA GLU A 368 -0.70 1.77 10.01
C GLU A 368 -0.38 0.77 11.15
N GLU A 369 0.10 -0.41 10.75
CA GLU A 369 0.25 -1.53 11.68
C GLU A 369 1.72 -1.83 12.00
N ALA A 370 2.06 -1.86 13.28
CA ALA A 370 3.45 -2.07 13.70
C ALA A 370 3.92 -3.53 13.62
N PHE A 371 3.07 -4.46 14.04
CA PHE A 371 3.52 -5.84 14.31
C PHE A 371 2.63 -6.94 13.77
N ASP A 372 3.29 -7.95 13.22
CA ASP A 372 2.65 -9.21 12.90
C ASP A 372 2.84 -10.26 14.00
N THR A 373 3.68 -9.96 15.00
CA THR A 373 3.82 -10.87 16.11
C THR A 373 4.30 -10.07 17.31
N TRP A 374 4.14 -10.62 18.51
CA TRP A 374 4.83 -10.05 19.69
C TRP A 374 6.04 -10.90 20.02
N TYR A 375 6.16 -11.31 21.29
CA TYR A 375 7.33 -12.10 21.76
C TYR A 375 7.25 -13.56 21.27
N GLY A 376 6.08 -14.04 20.86
CA GLY A 376 5.91 -15.44 20.44
C GLY A 376 6.55 -15.83 19.10
N GLY A 377 6.48 -14.95 18.11
CA GLY A 377 6.93 -15.27 16.75
C GLY A 377 5.90 -16.07 15.97
N LYS A 378 5.93 -16.00 14.65
CA LYS A 378 5.07 -16.90 13.84
C LYS A 378 5.94 -17.73 12.90
N LYS A 379 7.01 -17.14 12.41
CA LYS A 379 8.02 -17.82 11.61
C LYS A 379 9.32 -17.65 12.37
N PRO A 380 10.22 -18.65 12.29
CA PRO A 380 11.44 -18.64 13.10
C PRO A 380 12.28 -17.40 12.95
N TYR A 381 12.41 -16.86 11.74
CA TYR A 381 13.29 -15.70 11.56
C TYR A 381 12.55 -14.37 11.43
N ASP A 382 11.29 -14.35 11.89
CA ASP A 382 10.56 -13.07 11.89
C ASP A 382 10.96 -12.19 13.08
N TYR A 383 10.17 -11.15 13.34
CA TYR A 383 10.50 -10.13 14.32
C TYR A 383 10.38 -10.61 15.79
N GLY A 384 9.63 -11.69 16.03
CA GLY A 384 9.30 -12.17 17.39
C GLY A 384 10.53 -12.25 18.29
N ARG A 385 11.60 -12.82 17.75
CA ARG A 385 12.86 -12.99 18.48
C ARG A 385 13.49 -11.69 18.95
N PHE A 386 13.19 -10.57 18.27
CA PHE A 386 13.71 -9.25 18.67
C PHE A 386 12.81 -8.45 19.61
N PHE A 387 11.55 -8.84 19.69
CA PHE A 387 10.49 -8.02 20.26
C PHE A 387 10.81 -7.50 21.67
N GLU A 388 11.38 -8.35 22.52
CA GLU A 388 11.69 -7.96 23.90
C GLU A 388 13.15 -7.75 24.18
N LYS A 389 13.96 -7.73 23.17
CA LYS A 389 15.38 -7.49 23.37
C LYS A 389 15.61 -6.01 23.47
N ASP A 390 16.69 -5.64 24.20
N ASP A 390 16.66 -5.62 24.22
CA ASP A 390 17.09 -4.24 24.36
CA ASP A 390 16.97 -4.22 24.40
C ASP A 390 17.39 -3.64 23.01
C ASP A 390 17.38 -3.62 23.06
N ALA A 391 16.89 -2.43 22.79
CA ALA A 391 17.13 -1.72 21.55
C ALA A 391 18.53 -1.18 21.62
N THR A 392 19.31 -1.34 20.56
CA THR A 392 20.71 -0.92 20.59
C THR A 392 20.93 0.27 19.69
N HIS A 393 19.85 0.75 19.07
CA HIS A 393 19.95 1.96 18.28
C HIS A 393 20.60 3.05 19.13
N PRO A 394 21.52 3.83 18.55
CA PRO A 394 22.23 4.85 19.34
C PRO A 394 21.30 5.90 19.98
N GLU A 395 20.07 6.05 19.48
CA GLU A 395 19.12 7.02 20.00
C GLU A 395 17.99 6.36 20.78
N ALA A 396 18.09 5.06 21.04
CA ALA A 396 17.06 4.44 21.88
C ALA A 396 17.17 4.97 23.31
N ARG A 397 16.05 5.01 24.01
CA ARG A 397 16.07 5.47 25.40
C ARG A 397 16.33 4.28 26.28
N LYS A 398 16.84 4.58 27.48
CA LYS A 398 17.08 3.59 28.50
C LYS A 398 15.86 2.72 28.77
N GLY A 399 16.06 1.40 28.74
CA GLY A 399 14.95 0.47 29.00
C GLY A 399 14.06 0.16 27.79
N GLU A 400 14.26 0.86 26.68
CA GLU A 400 13.46 0.58 25.47
C GLU A 400 13.85 -0.76 24.88
N LYS A 401 12.88 -1.63 24.73
CA LYS A 401 13.02 -2.81 23.88
C LYS A 401 12.82 -2.42 22.43
N TRP A 402 13.15 -3.32 21.50
CA TRP A 402 12.96 -3.06 20.08
C TRP A 402 11.51 -2.69 19.78
N SER A 403 10.57 -3.40 20.39
CA SER A 403 9.17 -3.13 20.20
C SER A 403 8.84 -1.71 20.68
N ASP A 404 9.40 -1.29 21.82
CA ASP A 404 9.15 0.07 22.29
C ASP A 404 9.70 1.06 21.30
N PHE A 405 10.96 0.87 20.90
CA PHE A 405 11.65 1.82 20.05
C PHE A 405 10.99 1.92 18.66
N ASP A 406 10.65 0.77 18.09
CA ASP A 406 10.10 0.71 16.71
C ASP A 406 8.70 1.31 16.68
N LEU A 407 7.89 0.97 17.68
CA LEU A 407 6.56 1.52 17.77
C LEU A 407 6.61 3.04 17.98
N ARG A 408 7.47 3.50 18.88
CA ARG A 408 7.57 4.93 19.15
C ARG A 408 7.99 5.71 17.92
N THR A 409 9.05 5.27 17.26
CA THR A 409 9.55 5.97 16.09
C THR A 409 8.56 5.94 14.91
N MET A 410 7.82 4.84 14.74
CA MET A 410 6.77 4.81 13.70
C MET A 410 5.70 5.91 13.98
N VAL A 411 5.27 6.01 15.22
CA VAL A 411 4.27 7.01 15.58
C VAL A 411 4.81 8.45 15.41
N GLU A 412 6.04 8.69 15.86
CA GLU A 412 6.64 9.99 15.76
C GLU A 412 6.83 10.37 14.30
N ARG A 413 7.17 9.40 13.44
CA ARG A 413 7.22 9.67 12.00
C ARG A 413 5.89 10.15 11.42
N GLY A 414 4.79 9.48 11.77
CA GLY A 414 3.52 9.71 11.07
C GLY A 414 2.49 10.56 11.80
N LYS A 415 2.84 11.10 12.96
CA LYS A 415 1.85 11.78 13.83
C LYS A 415 1.21 13.04 13.24
N ASN A 416 1.78 13.64 12.20
CA ASN A 416 1.12 14.79 11.57
C ASN A 416 0.38 14.44 10.28
N ASN A 417 0.46 13.20 9.84
CA ASN A 417 -0.15 12.84 8.58
C ASN A 417 -1.65 12.74 8.80
N PRO A 418 -2.45 13.54 8.09
CA PRO A 418 -3.90 13.59 8.33
C PRO A 418 -4.60 12.30 7.93
N ALA A 419 -4.03 11.52 7.01
CA ALA A 419 -4.66 10.26 6.55
C ALA A 419 -4.64 9.21 7.65
N ILE A 420 -3.61 9.18 8.48
CA ILE A 420 -3.53 8.13 9.49
C ILE A 420 -4.54 8.45 10.58
N PHE A 421 -5.38 7.48 10.91
CA PHE A 421 -6.33 7.65 12.01
C PHE A 421 -6.30 6.50 13.02
N MET A 422 -5.58 5.43 12.71
CA MET A 422 -5.44 4.29 13.64
C MET A 422 -3.99 3.76 13.64
N TRP A 423 -3.56 3.34 14.82
CA TRP A 423 -2.29 2.66 14.97
C TRP A 423 -2.63 1.25 15.43
N SER A 424 -2.24 0.26 14.67
CA SER A 424 -2.45 -1.10 15.15
C SER A 424 -1.17 -1.63 15.80
N ILE A 425 -1.30 -2.20 16.99
CA ILE A 425 -0.13 -2.73 17.70
C ILE A 425 -0.04 -4.24 17.55
N GLY A 426 -0.93 -4.81 16.72
CA GLY A 426 -0.74 -6.19 16.31
C GLY A 426 -1.81 -6.82 15.46
N ASN A 427 -1.38 -7.74 14.60
CA ASN A 427 -2.30 -8.57 13.81
C ASN A 427 -2.25 -10.07 14.22
N GLU A 428 -3.43 -10.60 14.56
CA GLU A 428 -3.62 -12.01 14.92
C GLU A 428 -2.48 -12.48 15.85
N ILE A 429 -2.31 -11.77 16.96
CA ILE A 429 -1.25 -12.09 17.93
C ILE A 429 -1.77 -13.26 18.79
N GLY A 430 -1.30 -14.46 18.48
CA GLY A 430 -1.72 -15.65 19.19
C GLY A 430 -1.44 -15.60 20.69
N GLU A 431 -0.29 -15.04 21.07
CA GLU A 431 0.08 -14.95 22.50
C GLU A 431 -0.70 -13.86 23.28
N ALA A 432 -1.47 -13.02 22.60
CA ALA A 432 -2.25 -11.98 23.30
C ALA A 432 -3.54 -12.58 23.81
N ASN A 433 -3.43 -13.41 24.83
CA ASN A 433 -4.54 -14.22 25.29
C ASN A 433 -5.13 -13.77 26.62
N GLY A 434 -4.65 -12.66 27.16
CA GLY A 434 -5.19 -12.15 28.42
C GLY A 434 -4.43 -12.64 29.65
N ASP A 435 -3.34 -13.39 29.44
CA ASP A 435 -2.44 -13.76 30.52
C ASP A 435 -1.68 -12.51 30.99
N ALA A 436 -0.92 -12.64 32.08
CA ALA A 436 -0.34 -11.45 32.71
C ALA A 436 0.72 -10.82 31.80
N HIS A 437 1.43 -11.65 31.05
CA HIS A 437 2.50 -11.18 30.18
C HIS A 437 1.86 -10.34 29.06
N SER A 438 0.83 -10.87 28.43
CA SER A 438 0.20 -10.20 27.28
C SER A 438 -0.55 -8.95 27.75
N LEU A 439 -1.18 -9.03 28.93
CA LEU A 439 -1.84 -7.85 29.48
C LEU A 439 -0.83 -6.73 29.78
N ALA A 440 0.31 -7.08 30.40
CA ALA A 440 1.34 -6.10 30.62
C ALA A 440 1.80 -5.54 29.29
N THR A 441 1.93 -6.41 28.28
CA THR A 441 2.49 -5.97 27.01
C THR A 441 1.52 -4.99 26.29
N VAL A 442 0.23 -5.29 26.29
CA VAL A 442 -0.71 -4.44 25.59
C VAL A 442 -0.71 -3.03 26.22
N LYS A 443 -0.71 -2.97 27.55
CA LYS A 443 -0.64 -1.68 28.24
C LYS A 443 0.64 -0.95 28.00
N ARG A 444 1.78 -1.64 27.94
N ARG A 444 1.78 -1.64 27.94
CA ARG A 444 3.04 -0.99 27.64
CA ARG A 444 3.04 -0.98 27.64
C ARG A 444 3.01 -0.33 26.24
C ARG A 444 3.01 -0.33 26.24
N LEU A 445 2.53 -1.07 25.25
CA LEU A 445 2.50 -0.62 23.85
C LEU A 445 1.49 0.54 23.68
N VAL A 446 0.31 0.41 24.27
CA VAL A 446 -0.67 1.52 24.25
C VAL A 446 -0.04 2.79 24.81
N LYS A 447 0.73 2.63 25.90
CA LYS A 447 1.34 3.77 26.57
C LYS A 447 2.46 4.41 25.74
N VAL A 448 3.25 3.59 25.05
CA VAL A 448 4.28 4.10 24.14
C VAL A 448 3.61 5.06 23.12
N ILE A 449 2.52 4.63 22.53
CA ILE A 449 1.81 5.46 21.55
C ILE A 449 1.23 6.71 22.22
N LYS A 450 0.49 6.55 23.33
N LYS A 450 0.49 6.54 23.34
CA LYS A 450 -0.20 7.68 23.95
CA LYS A 450 -0.19 7.67 24.01
C LYS A 450 0.75 8.77 24.46
C LYS A 450 0.77 8.78 24.42
N ASP A 451 2.00 8.40 24.78
CA ASP A 451 3.00 9.36 25.16
C ASP A 451 3.43 10.24 24.00
N VAL A 452 3.27 9.75 22.77
CA VAL A 452 3.54 10.55 21.58
C VAL A 452 2.28 11.22 21.02
N ASP A 453 1.18 10.46 20.94
CA ASP A 453 0.00 10.87 20.16
C ASP A 453 -1.25 10.28 20.76
N LYS A 454 -2.21 11.13 21.14
CA LYS A 454 -3.46 10.62 21.70
C LYS A 454 -4.63 10.75 20.75
N THR A 455 -4.38 11.28 19.55
CA THR A 455 -5.48 11.67 18.63
C THR A 455 -5.98 10.51 17.76
N ARG A 456 -5.29 9.37 17.79
CA ARG A 456 -5.62 8.25 16.89
C ARG A 456 -5.99 6.98 17.65
N TYR A 457 -6.87 6.16 17.08
CA TYR A 457 -7.32 4.93 17.73
C TYR A 457 -6.24 3.85 17.76
N VAL A 458 -5.86 3.46 18.96
CA VAL A 458 -4.97 2.33 19.11
C VAL A 458 -5.81 1.07 18.97
N THR A 459 -5.35 0.15 18.13
CA THR A 459 -6.15 -1.00 17.79
C THR A 459 -5.31 -2.26 17.56
N MET A 460 -5.98 -3.36 17.27
CA MET A 460 -5.32 -4.61 16.89
C MET A 460 -6.27 -5.33 15.96
N GLY A 461 -5.75 -6.25 15.15
CA GLY A 461 -6.65 -7.09 14.35
C GLY A 461 -6.68 -8.46 14.99
N ALA A 462 -7.85 -8.92 15.42
CA ALA A 462 -7.91 -10.17 16.21
C ALA A 462 -8.85 -11.21 15.62
N ASP A 463 -8.29 -12.34 15.24
CA ASP A 463 -9.11 -13.45 14.79
C ASP A 463 -9.64 -14.32 15.92
N LYS A 464 -9.17 -14.11 17.15
CA LYS A 464 -9.66 -14.92 18.30
C LYS A 464 -11.14 -14.83 18.50
N PHE A 465 -11.74 -13.72 18.05
CA PHE A 465 -13.19 -13.52 18.16
C PHE A 465 -14.02 -14.43 17.27
N ARG A 466 -13.39 -15.17 16.36
CA ARG A 466 -14.21 -16.02 15.46
C ARG A 466 -14.40 -17.45 16.00
N PHE A 467 -13.56 -17.86 16.96
CA PHE A 467 -13.62 -19.23 17.50
C PHE A 467 -14.68 -19.35 18.58
N GLY A 468 -15.51 -20.39 18.50
CA GLY A 468 -16.62 -20.58 19.43
C GLY A 468 -17.56 -19.37 19.38
N ASN A 469 -17.93 -18.87 20.55
CA ASN A 469 -18.75 -17.67 20.60
C ASN A 469 -17.90 -16.38 20.62
N GLY A 470 -16.58 -16.52 20.56
CA GLY A 470 -15.70 -15.38 20.47
C GLY A 470 -15.17 -14.85 21.78
N SER A 471 -15.69 -15.38 22.89
CA SER A 471 -15.27 -14.93 24.21
C SER A 471 -14.02 -15.66 24.69
N GLY A 472 -13.35 -15.09 25.68
CA GLY A 472 -12.13 -15.66 26.22
C GLY A 472 -11.21 -14.59 26.78
N GLY A 473 -10.02 -15.00 27.20
CA GLY A 473 -9.08 -14.11 27.86
C GLY A 473 -8.64 -12.92 27.01
N HIS A 474 -8.62 -13.12 25.69
CA HIS A 474 -8.26 -12.08 24.73
C HIS A 474 -9.15 -10.84 24.89
N GLU A 475 -10.35 -11.02 25.46
CA GLU A 475 -11.26 -9.90 25.73
C GLU A 475 -10.63 -8.84 26.63
N LYS A 476 -9.82 -9.28 27.59
CA LYS A 476 -9.09 -8.37 28.45
C LYS A 476 -8.08 -7.56 27.66
N ILE A 477 -7.47 -8.17 26.64
CA ILE A 477 -6.57 -7.40 25.80
C ILE A 477 -7.36 -6.34 25.02
N ALA A 478 -8.50 -6.73 24.44
CA ALA A 478 -9.34 -5.82 23.64
C ALA A 478 -9.79 -4.60 24.45
N ASP A 479 -10.09 -4.84 25.75
CA ASP A 479 -10.49 -3.78 26.68
C ASP A 479 -9.48 -2.66 26.80
N GLU A 480 -8.20 -2.94 26.54
CA GLU A 480 -7.15 -1.91 26.65
C GLU A 480 -7.01 -1.05 25.40
N LEU A 481 -7.72 -1.43 24.34
CA LEU A 481 -7.59 -0.72 23.04
C LEU A 481 -8.60 0.41 22.95
N ASP A 482 -8.31 1.39 22.11
CA ASP A 482 -9.33 2.41 21.77
C ASP A 482 -10.41 1.80 20.89
N ALA A 483 -10.01 0.94 19.96
CA ALA A 483 -11.01 0.33 19.05
C ALA A 483 -10.64 -1.11 18.83
N VAL A 484 -11.64 -1.96 18.74
CA VAL A 484 -11.40 -3.40 18.64
C VAL A 484 -11.64 -3.92 17.22
N GLY A 485 -10.58 -4.45 16.62
CA GLY A 485 -10.68 -5.03 15.28
C GLY A 485 -11.03 -6.49 15.34
N PHE A 486 -12.06 -6.86 14.61
CA PHE A 486 -12.48 -8.24 14.46
C PHE A 486 -11.96 -8.76 13.11
N ASN A 487 -11.12 -9.80 13.13
CA ASN A 487 -10.76 -10.53 11.91
C ASN A 487 -11.70 -11.69 11.72
N TYR A 488 -12.45 -11.67 10.61
CA TYR A 488 -13.33 -12.78 10.23
C TYR A 488 -14.33 -13.19 11.31
N SER A 489 -14.80 -12.23 12.09
CA SER A 489 -15.66 -12.54 13.24
C SER A 489 -17.08 -12.04 13.15
N GLU A 490 -17.60 -11.82 11.94
CA GLU A 490 -18.98 -11.38 11.78
C GLU A 490 -19.97 -12.24 12.56
N ASP A 491 -19.77 -13.56 12.53
CA ASP A 491 -20.70 -14.53 13.14
C ASP A 491 -20.87 -14.34 14.65
N ASN A 492 -19.88 -13.77 15.31
CA ASN A 492 -20.00 -13.47 16.73
C ASN A 492 -20.24 -12.00 17.05
N TYR A 493 -20.43 -11.16 16.04
CA TYR A 493 -20.54 -9.73 16.31
C TYR A 493 -21.72 -9.43 17.25
N LYS A 494 -22.89 -10.00 16.92
CA LYS A 494 -24.10 -9.66 17.65
C LYS A 494 -23.93 -9.97 19.14
N ALA A 495 -23.42 -11.16 19.44
CA ALA A 495 -23.13 -11.56 20.82
C ALA A 495 -22.04 -10.73 21.48
N LEU A 496 -20.93 -10.50 20.79
CA LEU A 496 -19.89 -9.65 21.35
C LEU A 496 -20.35 -8.19 21.56
N ARG A 497 -21.18 -7.67 20.65
CA ARG A 497 -21.74 -6.34 20.81
C ARG A 497 -22.66 -6.26 22.07
N ALA A 498 -23.48 -7.28 22.29
CA ALA A 498 -24.38 -7.27 23.46
C ALA A 498 -23.55 -7.39 24.75
N LYS A 499 -22.51 -8.21 24.71
CA LYS A 499 -21.58 -8.31 25.84
C LYS A 499 -20.73 -7.06 26.13
N HIS A 500 -20.30 -6.33 25.11
CA HIS A 500 -19.39 -5.21 25.30
C HIS A 500 -20.02 -3.97 24.66
N PRO A 501 -21.07 -3.41 25.32
CA PRO A 501 -21.75 -2.33 24.62
C PRO A 501 -20.92 -1.05 24.41
N LYS A 502 -19.82 -0.87 25.13
CA LYS A 502 -19.00 0.32 24.96
C LYS A 502 -17.87 0.17 23.93
N TRP A 503 -17.64 -1.04 23.42
CA TRP A 503 -16.55 -1.23 22.45
C TRP A 503 -16.78 -0.48 21.13
N LEU A 504 -15.73 0.10 20.57
CA LEU A 504 -15.76 0.56 19.20
C LEU A 504 -15.28 -0.61 18.35
N ILE A 505 -16.18 -1.13 17.51
CA ILE A 505 -15.94 -2.37 16.76
C ILE A 505 -15.93 -2.10 15.25
N TYR A 506 -15.04 -2.81 14.55
CA TYR A 506 -15.04 -2.80 13.10
C TYR A 506 -14.36 -4.11 12.63
N GLY A 507 -14.43 -4.39 11.33
CA GLY A 507 -13.76 -5.56 10.75
C GLY A 507 -12.35 -5.17 10.38
N SER A 508 -11.39 -5.52 11.24
CA SER A 508 -9.98 -5.25 10.93
C SER A 508 -9.53 -6.08 9.73
N GLU A 509 -10.19 -7.22 9.49
CA GLU A 509 -9.84 -8.05 8.34
C GLU A 509 -11.00 -8.94 7.94
N THR A 510 -11.36 -8.89 6.66
CA THR A 510 -12.54 -9.60 6.20
C THR A 510 -12.39 -10.30 4.86
N SER A 511 -13.27 -11.22 4.56
CA SER A 511 -13.59 -11.89 3.30
C SER A 511 -12.56 -12.98 3.05
N SER A 512 -11.38 -12.67 2.48
CA SER A 512 -10.45 -13.73 2.04
C SER A 512 -11.16 -14.67 1.08
N ALA A 513 -12.00 -14.08 0.24
CA ALA A 513 -12.49 -14.72 -0.99
C ALA A 513 -11.24 -14.93 -1.85
N THR A 514 -11.21 -16.04 -2.59
CA THR A 514 -10.11 -16.35 -3.47
C THR A 514 -10.56 -16.40 -4.93
N ARG A 515 -9.82 -15.74 -5.81
CA ARG A 515 -10.28 -15.56 -7.19
C ARG A 515 -9.10 -15.50 -8.15
N THR A 516 -9.28 -16.13 -9.31
CA THR A 516 -8.35 -15.98 -10.43
C THR A 516 -9.04 -15.22 -11.56
N ARG A 517 -8.37 -14.21 -12.10
CA ARG A 517 -8.96 -13.38 -13.15
C ARG A 517 -9.33 -14.22 -14.37
N GLY A 518 -10.61 -14.15 -14.76
CA GLY A 518 -11.05 -14.76 -16.01
C GLY A 518 -11.25 -16.26 -15.91
N SER A 519 -11.14 -16.81 -14.70
CA SER A 519 -11.39 -18.24 -14.47
C SER A 519 -12.74 -18.36 -13.77
N TYR A 520 -13.58 -19.32 -14.19
CA TYR A 520 -14.96 -19.46 -13.69
C TYR A 520 -15.28 -20.88 -13.31
N TYR A 521 -15.94 -21.06 -12.17
CA TYR A 521 -16.24 -22.41 -11.71
C TYR A 521 -17.54 -22.44 -10.88
N ARG A 522 -18.48 -23.30 -11.27
CA ARG A 522 -19.68 -23.65 -10.49
C ARG A 522 -20.38 -22.47 -9.84
N PRO A 523 -20.78 -21.46 -10.63
CA PRO A 523 -21.36 -20.24 -10.06
C PRO A 523 -22.59 -20.48 -9.19
N GLU A 524 -23.24 -21.64 -9.34
CA GLU A 524 -24.44 -21.95 -8.55
C GLU A 524 -24.11 -22.35 -7.11
N ARG A 525 -22.84 -22.62 -6.83
CA ARG A 525 -22.41 -23.06 -5.51
C ARG A 525 -21.46 -22.08 -4.85
N GLU A 526 -21.55 -21.99 -3.52
CA GLU A 526 -20.47 -21.42 -2.75
C GLU A 526 -19.47 -22.54 -2.45
N LEU A 527 -18.20 -22.27 -2.70
CA LEU A 527 -17.16 -23.28 -2.60
C LEU A 527 -16.21 -22.94 -1.45
N LYS A 528 -16.07 -23.86 -0.51
N LYS A 528 -16.07 -23.84 -0.50
CA LYS A 528 -15.29 -23.57 0.68
CA LYS A 528 -15.28 -23.54 0.68
C LYS A 528 -13.94 -24.26 0.64
C LYS A 528 -13.95 -24.24 0.62
N HIS A 529 -12.87 -23.45 0.57
CA HIS A 529 -11.51 -23.98 0.58
C HIS A 529 -11.33 -25.10 -0.45
N SER A 530 -11.86 -24.86 -1.66
CA SER A 530 -11.93 -25.86 -2.69
C SER A 530 -10.60 -25.90 -3.45
N ASN A 531 -9.75 -26.90 -3.15
CA ASN A 531 -8.39 -26.96 -3.70
C ASN A 531 -8.03 -28.31 -4.37
N GLY A 532 -9.05 -29.06 -4.80
CA GLY A 532 -8.82 -30.32 -5.48
C GLY A 532 -8.16 -30.17 -6.85
N PRO A 533 -7.59 -31.27 -7.37
CA PRO A 533 -6.86 -31.26 -8.65
C PRO A 533 -7.77 -30.79 -9.78
N GLU A 534 -9.08 -31.00 -9.64
CA GLU A 534 -10.05 -30.54 -10.66
C GLU A 534 -10.07 -29.01 -10.77
N ARG A 535 -9.58 -28.31 -9.74
CA ARG A 535 -9.50 -26.85 -9.77
C ARG A 535 -8.37 -26.31 -10.65
N ASN A 536 -7.37 -27.11 -11.02
N ASN A 536 -7.37 -27.12 -11.00
CA ASN A 536 -6.30 -26.64 -11.92
CA ASN A 536 -6.25 -26.67 -11.87
C ASN A 536 -5.58 -25.37 -11.37
C ASN A 536 -5.58 -25.38 -11.37
N TYR A 537 -5.45 -25.27 -10.06
CA TYR A 537 -4.77 -24.16 -9.36
C TYR A 537 -5.39 -22.77 -9.69
N GLU A 538 -6.71 -22.75 -9.87
CA GLU A 538 -7.45 -21.54 -10.16
C GLU A 538 -8.65 -21.45 -9.25
N GLN A 539 -9.10 -20.21 -9.04
CA GLN A 539 -10.28 -19.94 -8.21
C GLN A 539 -11.23 -19.08 -9.04
N SER A 540 -12.50 -19.03 -8.63
CA SER A 540 -13.56 -18.52 -9.50
C SER A 540 -13.81 -17.01 -9.41
N ASP A 541 -13.73 -16.34 -10.55
CA ASP A 541 -13.98 -14.91 -10.69
C ASP A 541 -15.48 -14.54 -10.53
N TYR A 542 -16.35 -15.55 -10.38
CA TYR A 542 -17.73 -15.28 -9.94
C TYR A 542 -17.75 -14.82 -8.48
N GLY A 543 -16.65 -15.04 -7.77
CA GLY A 543 -16.49 -14.61 -6.39
C GLY A 543 -17.08 -15.62 -5.44
N ASN A 544 -17.29 -16.85 -5.89
CA ASN A 544 -17.92 -17.88 -5.04
C ASN A 544 -16.93 -18.84 -4.32
N ASP A 545 -15.62 -18.64 -4.49
CA ASP A 545 -14.64 -19.36 -3.68
C ASP A 545 -14.26 -18.50 -2.48
N ARG A 546 -14.25 -19.10 -1.29
CA ARG A 546 -13.63 -18.46 -0.15
C ARG A 546 -12.97 -19.51 0.76
N VAL A 547 -11.97 -19.09 1.53
CA VAL A 547 -11.25 -19.97 2.40
C VAL A 547 -12.12 -20.46 3.56
N GLY A 548 -11.66 -21.48 4.28
CA GLY A 548 -12.45 -22.08 5.35
C GLY A 548 -12.93 -21.05 6.38
N TRP A 549 -12.07 -20.10 6.72
CA TRP A 549 -12.41 -19.06 7.72
C TRP A 549 -13.00 -17.80 7.10
N GLY A 550 -13.21 -17.80 5.78
CA GLY A 550 -13.55 -16.58 5.08
C GLY A 550 -15.03 -16.45 4.72
N LYS A 551 -15.31 -15.41 3.95
CA LYS A 551 -16.65 -15.15 3.44
C LYS A 551 -16.50 -14.54 2.05
N THR A 552 -17.55 -14.64 1.27
CA THR A 552 -17.58 -14.03 -0.02
C THR A 552 -17.62 -12.55 0.17
N ALA A 553 -17.30 -11.81 -0.89
CA ALA A 553 -17.47 -10.37 -0.88
C ALA A 553 -18.90 -9.98 -0.42
N THR A 554 -19.90 -10.69 -0.93
CA THR A 554 -21.31 -10.35 -0.67
C THR A 554 -21.65 -10.57 0.80
N ALA A 555 -21.26 -11.72 1.33
CA ALA A 555 -21.58 -12.06 2.71
C ALA A 555 -20.87 -11.10 3.70
N SER A 556 -19.61 -10.77 3.42
CA SER A 556 -18.85 -9.87 4.30
C SER A 556 -19.35 -8.42 4.13
N TRP A 557 -19.67 -8.01 2.90
CA TRP A 557 -20.20 -6.66 2.72
C TRP A 557 -21.63 -6.51 3.26
N THR A 558 -22.52 -7.44 2.96
CA THR A 558 -23.91 -7.27 3.41
C THR A 558 -24.00 -7.21 4.95
N PHE A 559 -23.20 -8.01 5.64
CA PHE A 559 -23.17 -7.92 7.08
C PHE A 559 -22.76 -6.51 7.58
N ASP A 560 -21.72 -5.96 6.99
CA ASP A 560 -21.19 -4.67 7.37
C ASP A 560 -22.29 -3.62 7.10
N ARG A 561 -22.84 -3.66 5.90
CA ARG A 561 -23.86 -2.72 5.48
C ARG A 561 -25.06 -2.73 6.45
N ASP A 562 -25.47 -3.90 6.89
CA ASP A 562 -26.62 -4.06 7.76
C ASP A 562 -26.39 -3.63 9.23
N ASN A 563 -25.15 -3.48 9.65
CA ASN A 563 -24.85 -3.20 11.04
C ASN A 563 -24.10 -1.92 11.31
N ALA A 564 -24.84 -0.94 11.82
CA ALA A 564 -24.31 0.39 12.07
C ALA A 564 -23.20 0.38 13.12
N GLY A 565 -23.28 -0.54 14.07
CA GLY A 565 -22.31 -0.61 15.16
C GLY A 565 -20.99 -1.27 14.76
N TYR A 566 -20.93 -1.83 13.55
CA TYR A 566 -19.70 -2.44 13.01
C TYR A 566 -19.21 -1.42 11.98
N ALA A 567 -18.16 -0.69 12.31
CA ALA A 567 -17.89 0.59 11.69
C ALA A 567 -17.35 0.52 10.25
N GLY A 568 -16.98 -0.68 9.80
CA GLY A 568 -16.45 -0.87 8.44
C GLY A 568 -15.59 -2.11 8.39
N GLN A 569 -14.82 -2.26 7.32
CA GLN A 569 -13.96 -3.43 7.16
C GLN A 569 -12.72 -3.13 6.33
N PHE A 570 -11.69 -3.97 6.48
CA PHE A 570 -10.51 -3.90 5.63
C PHE A 570 -10.38 -5.24 4.94
N ILE A 571 -10.85 -5.30 3.71
CA ILE A 571 -10.89 -6.54 2.95
C ILE A 571 -9.49 -7.13 2.72
N TRP A 572 -9.37 -8.42 2.95
CA TRP A 572 -8.19 -9.18 2.58
C TRP A 572 -8.37 -9.74 1.17
N THR A 573 -7.74 -9.17 0.11
CA THR A 573 -6.92 -7.97 0.11
C THR A 573 -7.38 -7.09 -1.08
N GLY A 574 -6.95 -5.83 -1.10
CA GLY A 574 -7.26 -4.96 -2.21
C GLY A 574 -6.58 -5.41 -3.48
N THR A 575 -5.30 -5.85 -3.38
CA THR A 575 -4.60 -6.42 -4.53
C THR A 575 -3.92 -7.71 -4.14
N ASP A 576 -3.70 -8.56 -5.14
CA ASP A 576 -2.91 -9.74 -4.95
C ASP A 576 -1.49 -9.36 -4.53
N TYR A 577 -0.80 -10.30 -3.92
CA TYR A 577 0.61 -10.07 -3.54
C TYR A 577 1.35 -11.39 -3.76
N ILE A 578 2.68 -11.31 -3.78
CA ILE A 578 3.49 -12.51 -3.94
C ILE A 578 3.46 -13.34 -2.66
N GLY A 579 3.51 -14.66 -2.82
CA GLY A 579 3.38 -15.59 -1.71
C GLY A 579 1.95 -15.94 -1.34
N GLU A 580 1.79 -16.42 -0.11
CA GLU A 580 0.52 -16.90 0.45
C GLU A 580 -0.53 -17.38 -0.54
N PRO A 581 -0.26 -18.48 -1.28
CA PRO A 581 -1.22 -18.90 -2.34
C PRO A 581 -2.31 -19.86 -1.87
N THR A 582 -2.87 -19.57 -0.70
CA THR A 582 -4.03 -20.25 -0.19
C THR A 582 -5.15 -20.16 -1.23
N PRO A 583 -5.88 -21.26 -1.51
CA PRO A 583 -5.91 -22.52 -0.75
C PRO A 583 -4.90 -23.62 -1.11
N TRP A 584 -3.76 -23.26 -1.70
CA TRP A 584 -2.66 -24.21 -1.91
C TRP A 584 -1.48 -23.87 -0.99
N HIS A 585 -1.82 -23.39 0.19
CA HIS A 585 -0.79 -22.90 1.10
C HIS A 585 0.26 -23.97 1.46
N ASN A 586 1.51 -23.63 1.14
CA ASN A 586 2.70 -24.43 1.44
C ASN A 586 2.65 -25.87 0.88
N GLN A 587 1.85 -26.07 -0.17
CA GLN A 587 1.94 -27.27 -0.97
C GLN A 587 3.00 -26.99 -2.02
N ASN A 588 4.25 -27.18 -1.60
CA ASN A 588 5.42 -26.61 -2.27
C ASN A 588 5.79 -27.17 -3.64
N GLN A 589 5.32 -28.37 -3.94
N GLN A 589 5.29 -28.36 -3.95
CA GLN A 589 5.57 -28.99 -5.24
CA GLN A 589 5.54 -29.01 -5.23
C GLN A 589 4.55 -28.56 -6.30
C GLN A 589 4.54 -28.58 -6.31
N THR A 590 3.45 -27.93 -5.88
CA THR A 590 2.46 -27.37 -6.84
C THR A 590 3.07 -26.11 -7.46
N PRO A 591 2.50 -25.62 -8.57
CA PRO A 591 3.15 -24.45 -9.17
C PRO A 591 2.97 -23.13 -8.44
N VAL A 592 2.00 -23.03 -7.55
CA VAL A 592 1.55 -21.69 -7.09
C VAL A 592 2.59 -20.88 -6.32
N LYS A 593 2.62 -19.57 -6.55
CA LYS A 593 3.62 -18.72 -5.88
C LYS A 593 3.09 -17.33 -5.46
N SER A 594 1.84 -17.01 -5.82
CA SER A 594 1.29 -15.69 -5.48
C SER A 594 -0.18 -15.82 -5.13
N SER A 595 -0.73 -14.78 -4.50
CA SER A 595 -2.06 -14.88 -3.86
C SER A 595 -3.27 -14.83 -4.78
N TYR A 596 -4.38 -15.34 -4.25
CA TYR A 596 -5.70 -15.34 -4.87
C TYR A 596 -6.65 -14.32 -4.22
N PHE A 597 -6.27 -13.79 -3.06
CA PHE A 597 -7.16 -12.96 -2.22
C PHE A 597 -7.52 -11.59 -2.79
N GLY A 598 -6.74 -11.09 -3.72
CA GLY A 598 -6.90 -9.70 -4.16
C GLY A 598 -8.13 -9.45 -5.00
N ILE A 599 -8.70 -8.26 -4.80
CA ILE A 599 -9.81 -7.79 -5.60
C ILE A 599 -9.21 -7.51 -7.00
N VAL A 600 -7.97 -7.03 -7.03
CA VAL A 600 -7.26 -6.73 -8.25
C VAL A 600 -6.03 -7.67 -8.33
N ASP A 601 -5.67 -8.10 -9.52
CA ASP A 601 -4.51 -9.01 -9.67
C ASP A 601 -3.17 -8.28 -9.53
N THR A 602 -2.06 -9.02 -9.47
CA THR A 602 -0.75 -8.39 -9.23
C THR A 602 -0.33 -7.49 -10.39
N ALA A 603 -0.93 -7.74 -11.56
CA ALA A 603 -0.62 -6.94 -12.76
C ALA A 603 -1.46 -5.64 -12.80
N GLY A 604 -2.28 -5.42 -11.77
CA GLY A 604 -3.11 -4.22 -11.72
C GLY A 604 -4.40 -4.34 -12.51
N ILE A 605 -4.79 -5.55 -12.90
CA ILE A 605 -6.03 -5.79 -13.64
C ILE A 605 -7.14 -6.25 -12.72
N PRO A 606 -8.26 -5.52 -12.71
CA PRO A 606 -9.33 -5.86 -11.77
C PRO A 606 -9.95 -7.21 -12.03
N LYS A 607 -10.28 -7.95 -10.98
CA LYS A 607 -11.18 -9.10 -11.11
C LYS A 607 -12.63 -8.58 -11.05
N HIS A 608 -13.61 -9.45 -11.28
CA HIS A 608 -14.98 -8.98 -11.42
C HIS A 608 -15.51 -8.35 -10.12
N ASP A 609 -15.08 -8.87 -8.97
CA ASP A 609 -15.54 -8.33 -7.69
C ASP A 609 -15.14 -6.86 -7.51
N PHE A 610 -14.17 -6.36 -8.26
CA PHE A 610 -13.85 -4.93 -8.24
C PHE A 610 -15.13 -4.14 -8.58
N TYR A 611 -15.87 -4.62 -9.57
CA TYR A 611 -17.07 -3.94 -10.02
C TYR A 611 -18.26 -4.20 -9.10
N LEU A 612 -18.28 -5.35 -8.44
CA LEU A 612 -19.25 -5.56 -7.39
C LEU A 612 -19.08 -4.48 -6.33
N TYR A 613 -17.87 -4.32 -5.84
CA TYR A 613 -17.61 -3.30 -4.86
C TYR A 613 -17.90 -1.89 -5.36
N GLN A 614 -17.50 -1.59 -6.59
CA GLN A 614 -17.75 -0.28 -7.14
C GLN A 614 -19.28 0.03 -7.15
N SER A 615 -20.07 -0.99 -7.51
CA SER A 615 -21.51 -0.83 -7.59
C SER A 615 -22.13 -0.52 -6.23
N GLN A 616 -21.51 -1.07 -5.17
CA GLN A 616 -21.91 -0.86 -3.80
C GLN A 616 -21.44 0.45 -3.20
N TRP A 617 -20.25 0.91 -3.58
CA TRP A 617 -19.58 1.96 -2.84
C TRP A 617 -19.46 3.28 -3.58
N VAL A 618 -19.71 3.27 -4.87
CA VAL A 618 -19.62 4.51 -5.66
C VAL A 618 -21.02 4.92 -6.09
N SER A 619 -21.40 6.15 -5.78
CA SER A 619 -22.79 6.58 -6.04
C SER A 619 -23.06 6.67 -7.53
N VAL A 620 -24.29 6.34 -7.90
CA VAL A 620 -24.74 6.43 -9.27
C VAL A 620 -24.56 7.86 -9.83
N LYS A 621 -24.59 8.85 -8.94
CA LYS A 621 -24.40 10.26 -9.35
C LYS A 621 -22.95 10.56 -9.67
N LYS A 622 -22.03 10.04 -8.91
CA LYS A 622 -20.59 10.17 -9.15
C LYS A 622 -20.08 9.37 -10.35
N LYS A 623 -20.44 8.12 -10.42
CA LYS A 623 -19.96 7.32 -11.54
C LYS A 623 -20.97 6.23 -11.84
N PRO A 624 -21.98 6.55 -12.66
CA PRO A 624 -22.92 5.52 -13.07
C PRO A 624 -22.17 4.44 -13.82
N MET A 625 -22.47 3.18 -13.52
CA MET A 625 -21.72 2.09 -14.16
C MET A 625 -22.54 0.81 -14.24
N VAL A 626 -22.09 -0.10 -15.10
CA VAL A 626 -22.59 -1.47 -15.17
C VAL A 626 -21.43 -2.36 -15.69
N HIS A 627 -21.35 -3.57 -15.16
CA HIS A 627 -20.25 -4.47 -15.51
C HIS A 627 -20.79 -5.87 -15.65
N LEU A 628 -20.47 -6.50 -16.77
CA LEU A 628 -20.96 -7.86 -17.05
C LEU A 628 -19.88 -8.93 -16.78
N LEU A 629 -20.30 -10.11 -16.35
CA LEU A 629 -19.44 -11.30 -16.31
C LEU A 629 -20.36 -12.45 -16.67
N PRO A 630 -19.84 -13.64 -17.20
CA PRO A 630 -18.39 -13.74 -17.40
C PRO A 630 -17.99 -13.34 -18.84
N HIS A 631 -17.04 -14.01 -19.50
CA HIS A 631 -16.80 -13.72 -20.91
C HIS A 631 -17.85 -14.42 -21.78
N TRP A 632 -17.74 -14.25 -23.09
CA TRP A 632 -18.71 -14.88 -23.97
C TRP A 632 -18.04 -15.80 -25.00
N ASN A 633 -17.06 -16.58 -24.55
CA ASN A 633 -16.40 -17.57 -25.39
C ASN A 633 -16.59 -18.93 -24.80
N TRP A 634 -17.62 -19.63 -25.25
CA TRP A 634 -17.98 -20.87 -24.60
C TRP A 634 -17.93 -22.07 -25.55
N GLU A 635 -17.12 -21.93 -26.59
CA GLU A 635 -16.83 -23.04 -27.50
C GLU A 635 -16.14 -24.23 -26.79
N ASN A 636 -15.31 -24.00 -25.79
CA ASN A 636 -14.59 -25.10 -25.13
C ASN A 636 -15.51 -25.86 -24.17
N LYS A 637 -15.70 -27.15 -24.42
CA LYS A 637 -16.68 -27.93 -23.64
C LYS A 637 -16.27 -28.07 -22.19
N GLU A 638 -15.00 -28.30 -21.94
N GLU A 638 -14.97 -28.31 -21.96
CA GLU A 638 -14.50 -28.44 -20.59
CA GLU A 638 -14.38 -28.42 -20.63
C GLU A 638 -14.72 -27.13 -19.81
C GLU A 638 -14.69 -27.14 -19.83
N LEU A 639 -14.38 -25.99 -20.41
CA LEU A 639 -14.60 -24.71 -19.72
C LEU A 639 -16.08 -24.52 -19.42
N ALA A 640 -16.89 -24.72 -20.45
CA ALA A 640 -18.34 -24.52 -20.35
C ALA A 640 -19.04 -25.48 -19.38
N SER A 641 -18.59 -26.74 -19.33
CA SER A 641 -19.25 -27.71 -18.45
C SER A 641 -19.19 -27.29 -16.98
N LYS A 642 -18.21 -26.47 -16.60
CA LYS A 642 -18.03 -26.02 -15.24
C LYS A 642 -18.88 -24.81 -14.87
N VAL A 643 -19.55 -24.23 -15.86
CA VAL A 643 -20.24 -22.96 -15.69
C VAL A 643 -21.75 -23.05 -16.01
N ALA A 644 -22.06 -23.78 -17.07
CA ALA A 644 -23.41 -23.87 -17.57
C ALA A 644 -24.31 -24.54 -16.54
N ASP A 645 -25.55 -24.08 -16.45
CA ASP A 645 -26.53 -24.71 -15.56
C ASP A 645 -27.08 -25.99 -16.18
N SER A 646 -28.05 -26.61 -15.49
CA SER A 646 -28.67 -27.88 -15.95
C SER A 646 -29.28 -27.81 -17.37
N GLU A 647 -29.75 -26.64 -17.77
CA GLU A 647 -30.29 -26.45 -19.11
C GLU A 647 -29.23 -26.03 -20.11
N GLY A 648 -27.96 -26.04 -19.67
CA GLY A 648 -26.84 -25.62 -20.53
C GLY A 648 -26.74 -24.12 -20.75
N LYS A 649 -27.40 -23.33 -19.90
CA LYS A 649 -27.34 -21.88 -20.06
C LYS A 649 -26.21 -21.28 -19.22
N ILE A 650 -25.65 -20.19 -19.71
CA ILE A 650 -24.59 -19.49 -19.00
C ILE A 650 -25.21 -18.43 -18.05
N PRO A 651 -24.82 -18.45 -16.77
CA PRO A 651 -25.32 -17.41 -15.87
C PRO A 651 -24.56 -16.12 -16.12
N VAL A 652 -25.26 -15.16 -16.69
CA VAL A 652 -24.65 -13.89 -16.99
C VAL A 652 -25.14 -12.91 -15.93
N ARG A 653 -24.18 -12.18 -15.33
CA ARG A 653 -24.50 -11.34 -14.17
C ARG A 653 -24.03 -9.93 -14.43
N ALA A 654 -24.77 -8.96 -13.91
CA ALA A 654 -24.41 -7.56 -14.04
C ALA A 654 -24.31 -6.93 -12.65
N TYR A 655 -23.21 -6.22 -12.42
CA TYR A 655 -23.07 -5.36 -11.25
C TYR A 655 -23.31 -3.97 -11.76
N SER A 656 -24.11 -3.21 -11.03
CA SER A 656 -24.46 -1.85 -11.47
C SER A 656 -24.92 -1.04 -10.27
N ASN A 657 -24.64 0.26 -10.27
CA ASN A 657 -25.24 1.15 -9.26
C ASN A 657 -26.52 1.85 -9.80
N ALA A 658 -26.96 1.48 -11.00
CA ALA A 658 -28.18 2.06 -11.62
C ALA A 658 -29.46 1.41 -11.08
N SER A 659 -30.62 1.90 -11.50
CA SER A 659 -31.91 1.34 -11.05
C SER A 659 -32.24 0.04 -11.74
N SER A 660 -31.93 -0.03 -13.02
CA SER A 660 -32.24 -1.23 -13.79
C SER A 660 -31.16 -1.54 -14.81
N VAL A 661 -31.11 -2.80 -15.19
CA VAL A 661 -30.22 -3.24 -16.24
C VAL A 661 -31.00 -4.10 -17.21
N GLU A 662 -30.89 -3.81 -18.49
CA GLU A 662 -31.49 -4.65 -19.49
C GLU A 662 -30.40 -5.33 -20.35
N LEU A 663 -30.44 -6.65 -20.40
CA LEU A 663 -29.45 -7.40 -21.16
C LEU A 663 -29.95 -7.75 -22.58
N PHE A 664 -29.11 -7.47 -23.58
CA PHE A 664 -29.39 -7.80 -24.98
C PHE A 664 -28.36 -8.82 -25.50
N LEU A 665 -28.83 -9.81 -26.23
CA LEU A 665 -27.95 -10.73 -26.95
C LEU A 665 -28.14 -10.54 -28.45
N ASN A 666 -27.08 -10.13 -29.13
CA ASN A 666 -27.11 -9.83 -30.55
C ASN A 666 -28.26 -8.90 -30.92
N GLY A 667 -28.42 -7.86 -30.12
CA GLY A 667 -29.43 -6.80 -30.36
C GLY A 667 -30.82 -7.15 -29.86
N LYS A 668 -31.02 -8.38 -29.39
CA LYS A 668 -32.32 -8.81 -28.93
C LYS A 668 -32.40 -8.77 -27.39
N SER A 669 -33.43 -8.08 -26.87
CA SER A 669 -33.61 -7.97 -25.42
C SER A 669 -33.82 -9.33 -24.77
N LEU A 670 -33.14 -9.57 -23.66
CA LEU A 670 -33.42 -10.73 -22.85
C LEU A 670 -34.17 -10.32 -21.59
N GLY A 671 -34.60 -9.07 -21.55
CA GLY A 671 -35.50 -8.62 -20.48
C GLY A 671 -34.82 -7.61 -19.57
N LEU A 672 -35.55 -6.58 -19.19
CA LEU A 672 -35.09 -5.59 -18.23
C LEU A 672 -35.30 -6.12 -16.83
N LYS A 673 -34.28 -5.99 -15.98
CA LYS A 673 -34.43 -6.36 -14.56
C LYS A 673 -34.14 -5.17 -13.69
N THR A 674 -34.77 -5.15 -12.51
CA THR A 674 -34.78 -3.95 -11.66
C THR A 674 -34.29 -4.33 -10.29
N PHE A 675 -33.37 -3.53 -9.76
CA PHE A 675 -32.82 -3.81 -8.43
C PHE A 675 -33.95 -3.55 -7.39
N ASN A 676 -34.04 -4.36 -6.34
N ASN A 676 -34.05 -4.35 -6.35
CA ASN A 676 -34.92 -4.10 -5.22
CA ASN A 676 -34.93 -4.05 -5.25
C ASN A 676 -34.25 -3.08 -4.29
C ASN A 676 -34.26 -3.08 -4.28
N LYS A 677 -34.97 -1.97 -4.03
CA LYS A 677 -34.56 -0.91 -3.10
C LYS A 677 -35.03 -1.23 -1.68
N LYS A 678 -34.17 -1.15 -0.74
CA LYS A 678 -34.36 -1.53 0.65
C LYS A 678 -33.70 -0.54 1.60
N GLN A 679 -34.01 -0.65 2.89
N GLN A 679 -33.97 -0.69 2.88
CA GLN A 679 -33.47 0.23 3.93
CA GLN A 679 -33.46 0.22 3.89
C GLN A 679 -32.92 -0.62 5.06
C GLN A 679 -32.95 -0.59 5.08
N THR A 680 -31.80 -0.19 5.60
CA THR A 680 -31.27 -0.81 6.81
C THR A 680 -32.13 -0.44 8.04
N SER A 681 -32.00 -1.21 9.12
CA SER A 681 -32.76 -0.94 10.36
C SER A 681 -32.61 0.51 10.84
N ASP A 682 -31.56 1.20 10.40
CA ASP A 682 -31.33 2.61 10.75
C ASP A 682 -31.57 3.56 9.59
N GLY A 683 -32.30 3.11 8.58
CA GLY A 683 -32.72 3.99 7.50
C GLY A 683 -31.78 4.27 6.33
N ARG A 684 -30.68 3.52 6.23
CA ARG A 684 -29.78 3.69 5.07
C ARG A 684 -30.32 2.93 3.86
N THR A 685 -30.31 3.60 2.72
CA THR A 685 -30.85 2.99 1.48
C THR A 685 -29.79 2.15 0.71
N TYR A 686 -30.20 0.99 0.20
CA TYR A 686 -29.34 0.10 -0.58
C TYR A 686 -30.13 -0.65 -1.64
N GLN A 687 -29.40 -1.25 -2.58
CA GLN A 687 -30.00 -2.10 -3.62
C GLN A 687 -29.52 -3.52 -3.59
N GLU A 688 -30.42 -4.45 -3.92
CA GLU A 688 -30.05 -5.84 -4.06
C GLU A 688 -30.81 -6.44 -5.24
N GLY A 689 -30.44 -7.68 -5.61
CA GLY A 689 -31.07 -8.37 -6.72
C GLY A 689 -32.23 -9.23 -6.28
N ALA A 690 -32.29 -10.46 -6.79
CA ALA A 690 -33.46 -11.33 -6.62
C ALA A 690 -33.66 -11.72 -5.14
N ASN A 691 -32.60 -11.69 -4.35
CA ASN A 691 -32.71 -12.00 -2.93
C ASN A 691 -31.56 -11.30 -2.19
N ALA A 692 -31.51 -11.50 -0.87
CA ALA A 692 -30.57 -10.78 -0.02
C ALA A 692 -29.12 -11.20 -0.27
N ASN A 693 -28.96 -12.38 -0.85
CA ASN A 693 -27.61 -12.88 -1.15
C ASN A 693 -27.11 -12.57 -2.54
N GLU A 694 -27.86 -11.78 -3.31
CA GLU A 694 -27.44 -11.46 -4.66
C GLU A 694 -27.44 -9.95 -4.85
N LEU A 695 -26.26 -9.40 -5.08
CA LEU A 695 -26.11 -7.99 -5.30
C LEU A 695 -26.08 -7.67 -6.78
N TYR A 696 -26.00 -8.71 -7.61
CA TYR A 696 -26.09 -8.58 -9.06
C TYR A 696 -27.52 -8.83 -9.57
N LEU A 697 -27.73 -8.50 -10.84
CA LEU A 697 -28.89 -9.01 -11.56
C LEU A 697 -28.35 -10.12 -12.48
N GLU A 698 -29.15 -11.17 -12.65
CA GLU A 698 -28.73 -12.36 -13.40
C GLU A 698 -29.68 -12.70 -14.54
N TRP A 699 -29.12 -13.16 -15.66
CA TRP A 699 -29.87 -13.80 -16.74
C TRP A 699 -29.26 -15.17 -17.03
N LYS A 700 -30.11 -16.17 -17.26
CA LYS A 700 -29.63 -17.47 -17.72
C LYS A 700 -29.72 -17.44 -19.23
N VAL A 701 -28.57 -17.42 -19.88
CA VAL A 701 -28.52 -17.16 -21.32
C VAL A 701 -28.03 -18.40 -22.07
N ALA A 702 -28.87 -18.89 -22.99
CA ALA A 702 -28.52 -19.95 -23.92
C ALA A 702 -27.42 -19.38 -24.80
N TYR A 703 -26.35 -20.16 -24.95
CA TYR A 703 -25.17 -19.63 -25.58
C TYR A 703 -25.36 -19.46 -27.08
N GLN A 704 -25.39 -18.23 -27.56
N GLN A 704 -25.42 -18.23 -27.57
CA GLN A 704 -25.27 -17.97 -28.96
CA GLN A 704 -25.27 -17.97 -28.98
C GLN A 704 -24.17 -16.93 -29.08
C GLN A 704 -24.16 -16.94 -29.07
N PRO A 705 -23.09 -17.26 -29.81
CA PRO A 705 -21.93 -16.41 -30.04
C PRO A 705 -22.33 -15.06 -30.59
N GLY A 706 -21.62 -14.01 -30.18
CA GLY A 706 -21.95 -12.67 -30.62
C GLY A 706 -21.68 -11.66 -29.54
N THR A 707 -22.64 -10.75 -29.35
CA THR A 707 -22.46 -9.63 -28.45
C THR A 707 -23.53 -9.64 -27.36
N LEU A 708 -23.07 -9.52 -26.11
CA LEU A 708 -23.94 -9.26 -24.97
C LEU A 708 -23.75 -7.82 -24.60
N GLU A 709 -24.85 -7.10 -24.52
CA GLU A 709 -24.79 -5.69 -24.17
C GLU A 709 -25.80 -5.39 -23.08
N ALA A 710 -25.34 -4.65 -22.08
CA ALA A 710 -26.16 -4.32 -20.92
C ALA A 710 -26.42 -2.80 -20.93
N ILE A 711 -27.69 -2.44 -20.79
CA ILE A 711 -28.06 -1.02 -20.73
C ILE A 711 -28.51 -0.74 -19.32
N ALA A 712 -27.79 0.15 -18.64
CA ALA A 712 -28.13 0.55 -17.29
C ALA A 712 -28.92 1.86 -17.32
N ARG A 713 -29.98 1.90 -16.53
CA ARG A 713 -30.88 3.05 -16.56
C ARG A 713 -31.23 3.59 -15.19
N ASP A 714 -31.45 4.90 -15.12
CA ASP A 714 -31.99 5.53 -13.91
C ASP A 714 -33.48 5.22 -13.73
N GLU A 715 -34.06 5.67 -12.63
CA GLU A 715 -35.48 5.40 -12.34
C GLU A 715 -36.44 5.95 -13.40
N SER A 716 -36.04 7.03 -14.06
CA SER A 716 -36.89 7.60 -15.09
C SER A 716 -36.75 6.86 -16.43
N GLY A 717 -35.92 5.83 -16.48
CA GLY A 717 -35.72 5.10 -17.72
C GLY A 717 -34.68 5.68 -18.66
N LYS A 718 -33.90 6.66 -18.21
CA LYS A 718 -32.85 7.19 -19.05
C LYS A 718 -31.58 6.33 -18.94
N GLU A 719 -30.97 5.99 -20.08
CA GLU A 719 -29.69 5.27 -20.10
C GLU A 719 -28.60 6.10 -19.40
N ILE A 720 -27.95 5.51 -18.41
CA ILE A 720 -26.84 6.17 -17.75
C ILE A 720 -25.49 5.42 -17.87
N ALA A 721 -25.52 4.16 -18.25
CA ALA A 721 -24.29 3.41 -18.51
C ALA A 721 -24.56 2.21 -19.40
N ARG A 722 -23.50 1.74 -20.07
CA ARG A 722 -23.51 0.44 -20.71
C ARG A 722 -22.20 -0.35 -20.60
N ASP A 723 -22.31 -1.67 -20.77
CA ASP A 723 -21.15 -2.52 -20.85
C ASP A 723 -21.37 -3.53 -21.94
N LYS A 724 -20.31 -4.02 -22.54
CA LYS A 724 -20.54 -5.09 -23.48
C LYS A 724 -19.42 -6.08 -23.61
N ILE A 725 -19.82 -7.32 -23.86
N ILE A 725 -19.82 -7.32 -23.86
CA ILE A 725 -18.86 -8.38 -24.12
CA ILE A 725 -18.86 -8.38 -24.12
C ILE A 725 -19.17 -9.09 -25.44
C ILE A 725 -19.17 -9.09 -25.44
N THR A 726 -18.10 -9.43 -26.17
CA THR A 726 -18.15 -9.99 -27.51
C THR A 726 -17.34 -11.28 -27.60
N THR A 727 -17.91 -12.27 -28.30
CA THR A 727 -17.23 -13.53 -28.58
C THR A 727 -16.03 -13.26 -29.47
N ALA A 728 -14.84 -13.62 -29.02
CA ALA A 728 -13.64 -13.46 -29.84
C ALA A 728 -13.46 -14.64 -30.80
N GLY A 729 -12.86 -14.36 -31.94
CA GLY A 729 -12.34 -15.39 -32.85
C GLY A 729 -10.94 -15.81 -32.34
N LYS A 730 -10.15 -16.39 -33.25
CA LYS A 730 -8.80 -16.88 -32.97
C LYS A 730 -7.82 -15.73 -32.76
N PRO A 731 -6.77 -15.94 -31.95
CA PRO A 731 -5.74 -14.90 -31.83
C PRO A 731 -5.22 -14.48 -33.19
N ALA A 732 -5.13 -13.17 -33.41
CA ALA A 732 -4.61 -12.62 -34.66
C ALA A 732 -3.50 -11.63 -34.42
N ALA A 733 -3.50 -10.97 -33.27
CA ALA A 733 -2.55 -9.89 -33.01
C ALA A 733 -2.31 -9.71 -31.53
N VAL A 734 -1.18 -9.09 -31.19
CA VAL A 734 -0.95 -8.55 -29.87
C VAL A 734 -1.25 -7.07 -29.93
N ARG A 735 -2.07 -6.58 -29.01
CA ARG A 735 -2.36 -5.14 -28.94
C ARG A 735 -1.79 -4.54 -27.64
N LEU A 736 -1.13 -3.37 -27.75
CA LEU A 736 -0.66 -2.65 -26.59
C LEU A 736 -1.55 -1.46 -26.25
N ILE A 737 -1.83 -1.29 -24.96
CA ILE A 737 -2.72 -0.23 -24.47
C ILE A 737 -1.90 0.60 -23.47
N LYS A 738 -1.67 1.85 -23.84
CA LYS A 738 -0.97 2.82 -22.98
C LYS A 738 -1.88 3.36 -21.91
N GLU A 739 -1.37 3.37 -20.69
CA GLU A 739 -1.99 4.12 -19.63
C GLU A 739 -1.63 5.62 -19.68
N ASP A 740 -0.40 5.93 -20.06
CA ASP A 740 0.09 7.31 -20.07
C ASP A 740 0.56 7.62 -21.49
N HIS A 741 0.23 8.80 -22.00
CA HIS A 741 0.85 9.28 -23.24
C HIS A 741 2.27 9.74 -22.98
N ALA A 742 2.54 10.14 -21.75
CA ALA A 742 3.87 10.62 -21.38
C ALA A 742 4.11 10.50 -19.89
N ILE A 743 5.39 10.40 -19.52
CA ILE A 743 5.76 10.40 -18.10
C ILE A 743 6.94 11.34 -17.86
N ALA A 744 7.32 11.53 -16.60
CA ALA A 744 8.46 12.40 -16.30
C ALA A 744 9.78 11.72 -16.63
N ALA A 745 10.75 12.48 -17.12
CA ALA A 745 12.11 11.99 -17.35
C ALA A 745 12.98 12.21 -16.12
N ASP A 746 12.62 11.55 -15.02
CA ASP A 746 13.33 11.74 -13.76
C ASP A 746 13.98 10.44 -13.28
N GLY A 747 13.87 9.38 -14.08
CA GLY A 747 14.46 8.07 -13.72
C GLY A 747 13.68 7.36 -12.61
N LYS A 748 12.47 7.85 -12.30
CA LYS A 748 11.66 7.34 -11.19
C LYS A 748 10.23 7.04 -11.64
N ASP A 749 9.66 7.96 -12.40
CA ASP A 749 8.33 7.78 -12.93
C ASP A 749 8.31 6.56 -13.81
N LEU A 750 7.18 5.90 -13.89
CA LEU A 750 7.09 4.80 -14.81
C LEU A 750 5.72 4.70 -15.43
N THR A 751 5.55 3.73 -16.32
CA THR A 751 4.27 3.56 -16.94
C THR A 751 3.94 2.09 -17.10
N TYR A 752 2.63 1.81 -17.02
CA TYR A 752 2.07 0.46 -17.20
C TYR A 752 1.45 0.38 -18.58
N ILE A 753 1.97 -0.51 -19.42
CA ILE A 753 1.41 -0.75 -20.74
C ILE A 753 0.84 -2.17 -20.78
N TYR A 754 -0.46 -2.26 -20.97
CA TYR A 754 -1.13 -3.55 -21.05
C TYR A 754 -0.94 -4.15 -22.43
N TYR A 755 -0.82 -5.47 -22.47
CA TYR A 755 -0.83 -6.18 -23.74
C TYR A 755 -2.04 -7.12 -23.75
N GLU A 756 -2.66 -7.24 -24.91
CA GLU A 756 -3.85 -8.09 -25.06
C GLU A 756 -3.69 -8.94 -26.29
N ILE A 757 -4.17 -10.16 -26.23
CA ILE A 757 -4.25 -10.99 -27.43
C ILE A 757 -5.62 -10.76 -28.04
N VAL A 758 -5.66 -10.27 -29.27
CA VAL A 758 -6.93 -9.91 -29.89
C VAL A 758 -7.16 -10.74 -31.14
N ASP A 759 -8.42 -10.94 -31.49
CA ASP A 759 -8.75 -11.57 -32.77
C ASP A 759 -8.64 -10.54 -33.88
N SER A 760 -8.97 -10.92 -35.09
CA SER A 760 -8.86 -10.01 -36.23
C SER A 760 -9.83 -8.82 -36.20
N GLN A 761 -10.84 -8.80 -35.32
N GLN A 761 -10.85 -8.81 -35.33
CA GLN A 761 -11.78 -7.67 -35.23
CA GLN A 761 -11.78 -7.66 -35.26
C GLN A 761 -11.46 -6.77 -34.02
C GLN A 761 -11.47 -6.79 -34.02
N GLY A 762 -10.33 -7.08 -33.37
CA GLY A 762 -9.87 -6.38 -32.17
C GLY A 762 -10.56 -6.77 -30.87
N ASN A 763 -11.25 -7.91 -30.82
CA ASN A 763 -11.81 -8.40 -29.56
C ASN A 763 -10.74 -9.14 -28.78
N VAL A 764 -10.66 -8.89 -27.47
CA VAL A 764 -9.76 -9.63 -26.61
C VAL A 764 -10.16 -11.10 -26.60
N VAL A 765 -9.20 -11.99 -26.80
CA VAL A 765 -9.46 -13.43 -26.69
C VAL A 765 -9.33 -13.83 -25.21
N PRO A 766 -10.45 -14.14 -24.55
CA PRO A 766 -10.44 -14.19 -23.10
C PRO A 766 -9.76 -15.40 -22.53
N THR A 767 -9.48 -16.42 -23.34
CA THR A 767 -8.79 -17.61 -22.85
C THR A 767 -7.31 -17.67 -23.28
N ALA A 768 -6.83 -16.64 -23.97
CA ALA A 768 -5.52 -16.73 -24.64
C ALA A 768 -4.32 -16.64 -23.71
N ASN A 769 -3.35 -17.50 -23.93
CA ASN A 769 -2.12 -17.55 -23.12
C ASN A 769 -0.86 -17.39 -23.96
N ASN A 770 -0.98 -16.82 -25.17
CA ASN A 770 0.15 -16.73 -26.08
C ASN A 770 1.37 -16.06 -25.44
N LEU A 771 2.55 -16.57 -25.78
CA LEU A 771 3.82 -15.99 -25.34
C LEU A 771 4.09 -14.70 -26.11
N VAL A 772 4.43 -13.64 -25.39
CA VAL A 772 4.71 -12.37 -26.03
C VAL A 772 6.17 -12.00 -25.78
N ARG A 773 6.85 -11.49 -26.81
CA ARG A 773 8.21 -11.03 -26.66
C ARG A 773 8.26 -9.50 -26.83
N PHE A 774 9.02 -8.84 -25.99
CA PHE A 774 9.08 -7.38 -25.97
C PHE A 774 10.43 -6.78 -26.36
N GLN A 775 10.39 -5.69 -27.13
CA GLN A 775 11.57 -4.88 -27.36
C GLN A 775 11.31 -3.49 -26.84
N LEU A 776 12.33 -2.86 -26.26
CA LEU A 776 12.19 -1.46 -25.87
C LEU A 776 13.30 -0.65 -26.53
N HIS A 777 12.94 0.47 -27.14
CA HIS A 777 13.93 1.36 -27.69
C HIS A 777 13.68 2.74 -27.11
N GLY A 778 14.75 3.51 -26.96
CA GLY A 778 14.64 4.93 -26.60
C GLY A 778 14.89 5.17 -25.12
N GLN A 779 14.33 6.25 -24.58
N GLN A 779 14.42 6.28 -24.56
CA GLN A 779 14.67 6.73 -23.25
CA GLN A 779 14.80 6.65 -23.19
C GLN A 779 13.77 6.10 -22.16
C GLN A 779 13.83 6.09 -22.15
N GLY A 780 13.89 4.79 -21.99
CA GLY A 780 13.10 3.99 -21.06
C GLY A 780 13.85 2.73 -20.66
N GLN A 781 13.35 2.06 -19.63
CA GLN A 781 13.94 0.85 -19.12
C GLN A 781 12.83 -0.09 -18.69
N LEU A 782 12.77 -1.27 -19.30
CA LEU A 782 11.85 -2.29 -18.82
C LEU A 782 12.18 -2.72 -17.43
N VAL A 783 11.16 -2.73 -16.57
CA VAL A 783 11.38 -3.12 -15.15
C VAL A 783 10.40 -4.19 -14.66
N GLY A 784 9.50 -4.63 -15.53
CA GLY A 784 8.64 -5.73 -15.10
C GLY A 784 7.71 -6.23 -16.19
N VAL A 785 7.34 -7.51 -16.07
CA VAL A 785 6.29 -8.12 -16.85
C VAL A 785 5.51 -9.06 -15.96
N ASP A 786 4.19 -9.08 -16.13
CA ASP A 786 3.31 -9.82 -15.25
C ASP A 786 2.00 -10.12 -15.95
N ASN A 787 1.37 -11.23 -15.57
CA ASN A 787 0.02 -11.49 -16.04
C ASN A 787 -0.94 -11.81 -14.89
N GLY A 788 -0.47 -11.72 -13.64
CA GLY A 788 -1.31 -12.01 -12.46
C GLY A 788 -1.70 -13.48 -12.19
N GLU A 789 -1.28 -14.41 -13.05
CA GLU A 789 -1.70 -15.81 -12.90
C GLU A 789 -0.98 -16.46 -11.71
N GLN A 790 -1.75 -16.99 -10.76
CA GLN A 790 -1.19 -17.49 -9.51
C GLN A 790 -0.24 -18.69 -9.75
N ALA A 791 -0.65 -19.57 -10.67
CA ALA A 791 0.12 -20.80 -10.98
C ALA A 791 1.32 -20.52 -11.86
N SER A 792 1.45 -19.32 -12.43
CA SER A 792 2.59 -19.03 -13.28
C SER A 792 3.92 -19.11 -12.51
N ARG A 793 4.94 -19.66 -13.15
CA ARG A 793 6.27 -19.59 -12.58
C ARG A 793 7.23 -18.81 -13.48
N GLU A 794 6.64 -18.01 -14.36
CA GLU A 794 7.39 -17.16 -15.25
C GLU A 794 8.18 -16.08 -14.50
N ARG A 795 9.31 -15.65 -15.04
N ARG A 795 9.30 -15.64 -15.04
CA ARG A 795 9.99 -14.48 -14.52
CA ARG A 795 9.97 -14.50 -14.47
C ARG A 795 9.13 -13.20 -14.65
C ARG A 795 9.15 -13.20 -14.65
N TYR A 796 9.24 -12.36 -13.62
CA TYR A 796 8.78 -10.95 -13.60
C TYR A 796 9.79 -10.03 -14.26
N LYS A 797 11.05 -10.46 -14.29
CA LYS A 797 12.16 -9.66 -14.78
C LYS A 797 12.74 -10.23 -16.08
N ALA A 798 13.84 -9.65 -16.57
CA ALA A 798 14.52 -10.13 -17.77
C ALA A 798 14.94 -11.61 -17.65
N GLN A 799 14.85 -12.32 -18.77
CA GLN A 799 15.43 -13.66 -18.91
C GLN A 799 16.96 -13.57 -18.83
N ALA A 800 17.63 -14.70 -18.65
CA ALA A 800 19.09 -14.75 -18.48
C ALA A 800 19.88 -14.29 -19.69
N ASP A 801 19.26 -14.26 -20.88
CA ASP A 801 19.92 -13.73 -22.07
C ASP A 801 19.60 -12.26 -22.26
N GLY A 802 18.96 -11.62 -21.29
CA GLY A 802 18.61 -10.18 -21.42
C GLY A 802 17.26 -9.92 -22.10
N SER A 803 16.58 -10.96 -22.58
CA SER A 803 15.33 -10.76 -23.29
C SER A 803 14.17 -10.57 -22.31
N TRP A 804 13.07 -10.00 -22.80
CA TRP A 804 11.88 -9.77 -21.99
C TRP A 804 10.69 -10.45 -22.61
N ILE A 805 10.13 -11.43 -21.89
CA ILE A 805 9.00 -12.19 -22.38
C ILE A 805 7.97 -12.42 -21.30
N ARG A 806 6.74 -12.66 -21.73
CA ARG A 806 5.69 -13.02 -20.79
C ARG A 806 4.49 -13.52 -21.55
N LYS A 807 3.85 -14.55 -21.02
CA LYS A 807 2.60 -15.01 -21.62
C LYS A 807 1.46 -14.07 -21.23
N ALA A 808 0.47 -13.97 -22.10
CA ALA A 808 -0.81 -13.47 -21.69
C ALA A 808 -1.40 -14.49 -20.74
N PHE A 809 -2.28 -14.04 -19.86
CA PHE A 809 -3.12 -14.95 -19.11
C PHE A 809 -4.55 -14.48 -19.23
N ASN A 810 -5.40 -15.37 -19.71
CA ASN A 810 -6.79 -15.02 -20.03
C ASN A 810 -6.87 -13.73 -20.84
N GLY A 811 -6.07 -13.71 -21.89
CA GLY A 811 -6.03 -12.62 -22.85
C GLY A 811 -5.14 -11.43 -22.57
N LYS A 812 -4.56 -11.33 -21.37
CA LYS A 812 -3.95 -10.06 -20.94
C LYS A 812 -2.71 -10.17 -20.07
N GLY A 813 -1.91 -9.10 -20.10
CA GLY A 813 -0.85 -8.93 -19.13
C GLY A 813 -0.40 -7.48 -19.16
N VAL A 814 0.67 -7.18 -18.43
CA VAL A 814 1.23 -5.84 -18.41
C VAL A 814 2.74 -5.85 -18.52
N ALA A 815 3.28 -4.79 -19.12
CA ALA A 815 4.69 -4.48 -19.12
C ALA A 815 4.89 -3.10 -18.44
N ILE A 816 5.94 -2.99 -17.64
CA ILE A 816 6.18 -1.79 -16.85
C ILE A 816 7.50 -1.18 -17.31
N VAL A 817 7.48 0.09 -17.69
CA VAL A 817 8.66 0.76 -18.20
C VAL A 817 8.96 1.99 -17.35
N LYS A 818 10.20 2.08 -16.90
CA LYS A 818 10.62 3.20 -16.10
C LYS A 818 11.31 4.22 -17.00
N SER A 819 11.14 5.50 -16.69
CA SER A 819 11.82 6.56 -17.42
C SER A 819 13.30 6.56 -17.09
N THR A 820 14.09 7.24 -17.93
CA THR A 820 15.46 7.64 -17.57
C THR A 820 15.47 9.13 -17.21
N GLU A 821 16.65 9.68 -16.99
CA GLU A 821 16.77 11.10 -16.70
C GLU A 821 16.87 11.94 -17.97
N GLN A 822 16.81 11.32 -19.15
CA GLN A 822 16.87 12.07 -20.40
C GLN A 822 15.47 12.17 -20.99
N ALA A 823 15.10 13.38 -21.42
CA ALA A 823 13.84 13.59 -22.14
C ALA A 823 13.91 12.90 -23.50
N GLY A 824 12.75 12.56 -24.05
CA GLY A 824 12.71 11.94 -25.37
C GLY A 824 11.45 11.12 -25.43
N LYS A 825 11.61 9.84 -25.78
CA LYS A 825 10.50 8.89 -25.86
C LYS A 825 11.04 7.49 -25.78
N PHE A 826 10.15 6.53 -25.52
CA PHE A 826 10.51 5.13 -25.70
C PHE A 826 9.40 4.43 -26.43
N THR A 827 9.78 3.38 -27.15
CA THR A 827 8.84 2.64 -27.93
C THR A 827 8.88 1.21 -27.45
N LEU A 828 7.71 0.69 -27.09
CA LEU A 828 7.59 -0.70 -26.71
C LEU A 828 6.97 -1.47 -27.88
N THR A 829 7.66 -2.50 -28.35
CA THR A 829 7.16 -3.39 -29.40
C THR A 829 6.92 -4.77 -28.82
N ALA A 830 5.78 -5.34 -29.18
CA ALA A 830 5.38 -6.64 -28.68
C ALA A 830 5.22 -7.58 -29.87
N HIS A 831 5.76 -8.79 -29.73
CA HIS A 831 5.63 -9.78 -30.80
C HIS A 831 5.06 -11.06 -30.24
N SER A 832 4.40 -11.83 -31.10
CA SER A 832 3.98 -13.16 -30.69
C SER A 832 3.88 -14.08 -31.90
N ASP A 833 4.28 -15.34 -31.71
CA ASP A 833 4.40 -16.30 -32.80
C ASP A 833 3.15 -16.42 -33.67
N LEU A 834 3.32 -16.16 -34.96
CA LEU A 834 2.23 -16.14 -35.98
C LEU A 834 1.14 -15.07 -35.78
N LEU A 835 1.37 -14.10 -34.90
CA LEU A 835 0.40 -13.05 -34.69
C LEU A 835 1.01 -11.77 -35.19
N LYS A 836 0.17 -10.80 -35.50
N LYS A 836 0.17 -10.79 -35.52
CA LYS A 836 0.66 -9.49 -35.85
CA LYS A 836 0.67 -9.47 -35.85
C LYS A 836 1.30 -8.80 -34.64
C LYS A 836 1.30 -8.80 -34.64
N SER A 837 2.45 -8.16 -34.88
CA SER A 837 3.17 -7.41 -33.87
C SER A 837 2.51 -6.02 -33.69
N ASN A 838 2.77 -5.37 -32.56
N ASN A 838 2.74 -5.37 -32.55
CA ASN A 838 2.31 -4.01 -32.32
CA ASN A 838 2.33 -3.99 -32.40
C ASN A 838 3.34 -3.23 -31.51
C ASN A 838 3.32 -3.22 -31.52
N GLN A 839 3.29 -1.90 -31.64
CA GLN A 839 4.14 -1.00 -30.87
C GLN A 839 3.35 0.22 -30.39
N VAL A 840 3.79 0.78 -29.26
CA VAL A 840 3.33 2.08 -28.79
C VAL A 840 4.52 2.92 -28.37
N THR A 841 4.34 4.24 -28.39
CA THR A 841 5.38 5.16 -28.02
C THR A 841 4.88 6.06 -26.90
N VAL A 842 5.71 6.22 -25.87
CA VAL A 842 5.40 7.05 -24.72
C VAL A 842 6.47 8.13 -24.65
N PHE A 843 6.04 9.40 -24.51
CA PHE A 843 7.01 10.49 -24.43
C PHE A 843 7.55 10.67 -23.02
N THR A 844 8.76 11.21 -22.90
CA THR A 844 9.32 11.52 -21.58
C THR A 844 9.86 12.96 -21.54
N GLY A 845 9.72 13.58 -20.38
CA GLY A 845 10.10 14.98 -20.26
C GLY A 845 9.66 15.66 -18.98
N LYS A 846 9.13 16.87 -19.10
CA LYS A 846 8.75 17.70 -17.95
C LYS A 846 7.68 17.02 -17.12
N LYS A 847 7.78 17.11 -15.79
CA LYS A 847 6.72 16.65 -14.87
C LYS A 847 5.46 17.56 -14.86
N GLU A 848 4.36 17.03 -14.34
CA GLU A 848 3.12 17.78 -14.06
C GLU A 848 2.15 17.77 -15.23
C GIF B . -3.86 -12.59 8.39
N GIF B . -5.21 -13.15 8.35
O GIF B . -6.76 -15.43 4.95
C1 GIF B . -3.38 -12.33 6.95
O1 GIF B . -2.78 -14.68 6.45
C2 GIF B . -3.59 -13.55 6.03
O2 GIF B . -2.00 -11.93 6.99
C3 GIF B . -5.06 -13.92 6.00
C4 GIF B . -5.49 -14.26 7.43
C5 GIF B . -5.35 -15.06 5.02
S SO4 C . 11.63 14.86 9.48
O1 SO4 C . 11.92 15.53 10.76
O2 SO4 C . 11.01 13.56 9.78
O3 SO4 C . 12.89 14.75 8.76
O4 SO4 C . 10.70 15.67 8.70
S SO4 D . -33.85 -15.45 -16.96
O1 SO4 D . -33.08 -16.23 -15.96
O2 SO4 D . -34.76 -16.43 -17.58
O3 SO4 D . -33.04 -14.80 -18.01
O4 SO4 D . -34.62 -14.38 -16.32
S SO4 E . 1.27 4.95 -30.52
O1 SO4 E . 1.92 5.21 -29.22
O2 SO4 E . 1.85 3.82 -31.31
O3 SO4 E . 1.37 6.17 -31.38
O4 SO4 E . -0.17 4.60 -30.26
S SO4 F . -18.54 -21.99 7.23
O1 SO4 F . -17.12 -21.84 6.86
O2 SO4 F . -19.09 -23.19 6.56
O3 SO4 F . -19.34 -20.80 6.88
O4 SO4 F . -18.57 -22.11 8.70
S SO4 G . 25.21 10.84 -5.24
O1 SO4 G . 26.21 11.90 -5.48
O2 SO4 G . 25.81 9.52 -5.64
O3 SO4 G . 24.06 11.12 -6.14
O4 SO4 G . 24.77 10.83 -3.81
S SO4 H . 20.19 -14.55 -14.65
O1 SO4 H . 19.21 -15.54 -14.12
O2 SO4 H . 19.40 -13.70 -15.60
O3 SO4 H . 21.42 -15.25 -15.22
O4 SO4 H . 20.71 -13.62 -13.58
S SO4 I . 14.53 11.19 22.54
O1 SO4 I . 14.42 9.99 23.49
O2 SO4 I . 13.19 11.32 21.84
O3 SO4 I . 15.64 10.96 21.53
O4 SO4 I . 14.81 12.45 23.35
S SO4 J . 29.56 30.53 16.26
O1 SO4 J . 30.67 30.96 17.23
O2 SO4 J . 28.77 29.41 16.90
O3 SO4 J . 30.14 30.05 14.93
O4 SO4 J . 28.64 31.70 15.98
C1 EDO K . 10.16 15.78 0.54
O1 EDO K . 9.34 16.26 -0.52
C2 EDO K . 9.49 16.13 1.87
O2 EDO K . 10.36 15.67 2.89
C1 EDO L . -3.44 16.07 11.35
O1 EDO L . -2.69 16.13 10.16
C2 EDO L . -2.85 17.06 12.36
O2 EDO L . -1.43 16.87 12.47
C1 EDO M . 14.13 7.34 13.72
O1 EDO M . 14.39 7.72 12.36
C2 EDO M . 15.43 6.79 14.35
O2 EDO M . 15.71 5.47 13.86
C1 EDO N . -9.05 9.09 19.30
O1 EDO N . -10.04 10.11 19.26
C2 EDO N . -8.65 8.95 20.74
O2 EDO N . -8.82 7.59 21.14
C1 EDO O . 10.54 -7.87 9.67
O1 EDO O . 10.77 -7.02 10.79
C2 EDO O . 10.57 -9.36 9.99
O2 EDO O . 9.28 -9.69 10.51
C1 EDO P . 7.28 -19.64 15.40
O1 EDO P . 8.33 -20.14 14.56
C2 EDO P . 7.89 -19.09 16.67
O2 EDO P . 9.27 -18.73 16.44
C1 EDO Q . -24.16 6.29 20.02
O1 EDO Q . -23.58 7.06 21.07
C2 EDO Q . -24.42 4.92 20.58
O2 EDO Q . -23.18 4.32 20.76
C1 EDO R . -7.10 -17.05 9.58
O1 EDO R . -6.09 -17.93 10.12
C2 EDO R . -7.87 -16.25 10.63
O2 EDO R . -8.10 -17.05 11.80
C1 EDO S . 5.34 12.72 6.54
O1 EDO S . 6.39 11.75 6.77
C2 EDO S . 3.97 12.05 6.75
O2 EDO S . 3.99 10.67 6.39
C1 EDO T . 17.08 8.50 28.21
O1 EDO T . 18.02 7.45 28.35
C2 EDO T . 15.84 8.13 29.01
O2 EDO T . 14.75 8.89 28.47
C1 EDO U . 19.46 -9.19 25.57
O1 EDO U . 19.49 -8.35 24.41
C2 EDO U . 18.06 -8.98 26.09
O2 EDO U . 17.91 -7.57 25.96
C1 EDO V . 3.72 -24.82 7.35
O1 EDO V . 3.48 -25.81 6.33
C2 EDO V . 4.71 -25.36 8.37
O2 EDO V . 5.99 -24.90 7.99
C1 EDO W . -39.40 -7.96 -20.23
O1 EDO W . -39.34 -8.97 -19.23
C2 EDO W . -38.70 -6.72 -19.69
O2 EDO W . -38.25 -5.87 -20.75
C1 EDO X . -15.99 -29.00 -4.15
O1 EDO X . -15.58 -27.82 -4.87
C2 EDO X . -17.05 -28.65 -3.12
O2 EDO X . -16.41 -27.69 -2.27
C1 EDO Y . 18.59 -0.19 -12.62
O1 EDO Y . 18.78 1.14 -13.14
C2 EDO Y . 19.69 -0.37 -11.60
O2 EDO Y . 19.99 0.95 -11.13
C1 EDO Z . -6.10 -4.37 -19.94
O1 EDO Z . -6.50 -3.87 -21.22
C2 EDO Z . -7.24 -4.21 -18.94
O2 EDO Z . -6.77 -3.34 -17.89
C1 EDO AA . 6.35 40.69 12.94
O1 EDO AA . 5.54 39.67 12.36
C2 EDO AA . 7.08 41.34 11.80
O2 EDO AA . 6.08 41.84 10.91
C1 EDO BA . 0.35 11.27 -10.36
O1 EDO BA . 1.27 12.21 -9.76
C2 EDO BA . 1.15 10.06 -10.83
O2 EDO BA . 2.07 10.50 -11.83
C1 EDO CA . -21.50 8.71 15.33
O1 EDO CA . -22.34 9.28 14.32
C2 EDO CA . -20.06 8.81 14.90
O2 EDO CA . -19.65 10.13 15.24
C1 EDO DA . 4.96 -29.71 0.43
O1 EDO DA . 4.15 -30.56 -0.40
C2 EDO DA . 6.18 -30.55 0.74
O2 EDO DA . 7.11 -30.40 -0.35
C1 EDO EA . -10.18 -23.39 9.50
O1 EDO EA . -10.24 -22.78 10.80
C2 EDO EA . -11.48 -23.07 8.81
O2 EDO EA . -12.26 -22.56 9.89
C1 EDO FA . -8.94 -14.02 34.97
O1 EDO FA . -7.97 -13.10 35.49
C2 EDO FA . -10.34 -13.64 35.42
O2 EDO FA . -10.43 -12.21 35.51
C1 EDO GA . -8.68 14.29 15.86
O1 EDO GA . -8.23 13.75 17.10
C2 EDO GA . -10.10 13.76 15.75
O2 EDO GA . -10.95 14.74 16.23
C1 EDO HA . -10.10 -18.03 27.90
O1 EDO HA . -9.11 -18.18 26.87
C2 EDO HA . -9.41 -18.31 29.24
O2 EDO HA . -8.87 -17.09 29.80
C1 EDO IA . -36.75 -1.89 3.15
O1 EDO IA . -36.34 -2.86 4.12
C2 EDO IA . -38.16 -2.23 2.75
O2 EDO IA . -38.10 -3.47 2.02
#